data_6YYG
#
_entry.id   6YYG
#
_cell.length_a   68.649
_cell.length_b   67.195
_cell.length_c   79.641
_cell.angle_alpha   90.000
_cell.angle_beta   99.660
_cell.angle_gamma   90.000
#
_symmetry.space_group_name_H-M   'P 1 21 1'
#
loop_
_entity.id
_entity.type
_entity.pdbx_description
1 polymer 'Tyrosine-protein kinase BTK'
2 non-polymer 5-(trifluoromethyloxy)-1,3-dihydroindol-2-one
3 non-polymer 'MAGNESIUM ION'
4 non-polymer 'ZINC ION'
5 water water
#
_entity_poly.entity_id   1
_entity_poly.type   'polypeptide(L)'
_entity_poly.pdbx_seq_one_letter_code
;AAVILESIFLKRSQQKKKTSPLNFKKRLFLLTVHKLSYYEYDFERGRRGSKKGSIDVEKITCVETVVPEKNPPPERQIPR
RGEESSEMEQISIIERFPYPFQVVYDEGPLYVFSPTEELRKRWIHQLKNVIRYNSDLVQKYHPCFWIDGQYLCCSQTAKN
AMGCQILEN
;
_entity_poly.pdbx_strand_id   A,B,C,D
#
loop_
_chem_comp.id
_chem_comp.type
_chem_comp.name
_chem_comp.formula
MG non-polymer 'MAGNESIUM ION' 'Mg 2'
Q1B non-polymer 5-(trifluoromethyloxy)-1,3-dihydroindol-2-one 'C9 H6 F3 N O2'
ZN non-polymer 'ZINC ION' 'Zn 2'
#
# COMPACT_ATOMS: atom_id res chain seq x y z
N ALA A 1 -5.80 -1.32 -17.97
CA ALA A 1 -5.15 -0.13 -17.32
C ALA A 1 -5.16 -0.32 -15.81
N ALA A 2 -4.02 -0.10 -15.15
CA ALA A 2 -3.73 -0.43 -13.73
C ALA A 2 -4.98 -0.31 -12.84
N VAL A 3 -5.07 -1.18 -11.84
CA VAL A 3 -6.12 -1.13 -10.80
C VAL A 3 -5.79 0.09 -9.94
N ILE A 4 -6.71 1.02 -9.76
CA ILE A 4 -6.45 2.16 -8.84
C ILE A 4 -6.97 1.77 -7.45
N LEU A 5 -8.21 1.26 -7.36
CA LEU A 5 -8.81 0.83 -6.08
C LEU A 5 -9.67 -0.41 -6.34
N GLU A 6 -9.83 -1.23 -5.30
CA GLU A 6 -10.64 -2.47 -5.35
C GLU A 6 -11.22 -2.70 -3.95
N SER A 7 -12.55 -2.68 -3.82
CA SER A 7 -13.20 -2.66 -2.48
C SER A 7 -14.50 -3.46 -2.52
N ILE A 8 -14.89 -4.02 -1.37
CA ILE A 8 -16.20 -4.70 -1.25
C ILE A 8 -17.16 -3.65 -0.65
N PHE A 9 -18.20 -3.27 -1.39
CA PHE A 9 -19.14 -2.22 -0.92
C PHE A 9 -20.59 -2.73 -1.02
N LEU A 10 -21.47 -2.08 -0.26
CA LEU A 10 -22.93 -2.37 -0.33
C LEU A 10 -23.50 -1.35 -1.32
N LYS A 11 -24.18 -1.80 -2.38
CA LYS A 11 -24.67 -0.83 -3.39
C LYS A 11 -26.19 -0.96 -3.50
N ARG A 12 -26.87 0.17 -3.77
CA ARG A 12 -28.34 0.14 -3.95
C ARG A 12 -28.58 -0.18 -5.42
N SER A 13 -29.32 -1.26 -5.70
CA SER A 13 -29.56 -1.64 -7.11
C SER A 13 -30.68 -0.78 -7.72
N GLN A 14 -30.66 -0.65 -9.05
CA GLN A 14 -31.73 0.08 -9.80
C GLN A 14 -32.95 -0.86 -9.78
N GLN A 15 -34.16 -0.30 -9.71
CA GLN A 15 -35.42 -1.01 -9.33
C GLN A 15 -35.79 -2.03 -10.42
N SER A 20 -40.94 -1.51 -6.87
CA SER A 20 -40.29 -2.56 -6.03
C SER A 20 -39.61 -1.90 -4.84
N PRO A 21 -39.44 -2.62 -3.71
CA PRO A 21 -38.62 -2.11 -2.60
C PRO A 21 -37.16 -2.00 -3.09
N LEU A 22 -36.43 -1.02 -2.57
CA LEU A 22 -34.99 -0.83 -2.87
C LEU A 22 -34.28 -2.15 -2.58
N ASN A 23 -33.28 -2.51 -3.38
CA ASN A 23 -32.43 -3.68 -3.05
C ASN A 23 -30.97 -3.27 -2.90
N PHE A 24 -30.33 -3.73 -1.82
CA PHE A 24 -28.91 -3.51 -1.53
C PHE A 24 -28.18 -4.84 -1.70
N LYS A 25 -27.00 -4.77 -2.31
CA LYS A 25 -26.22 -5.99 -2.58
C LYS A 25 -24.74 -5.72 -2.33
N LYS A 26 -24.08 -6.72 -1.78
CA LYS A 26 -22.65 -6.66 -1.44
C LYS A 26 -21.88 -7.02 -2.70
N ARG A 27 -21.05 -6.12 -3.20
CA ARG A 27 -20.37 -6.31 -4.49
C ARG A 27 -18.96 -5.82 -4.41
N LEU A 28 -18.09 -6.42 -5.23
CA LEU A 28 -16.72 -5.90 -5.38
C LEU A 28 -16.73 -4.80 -6.46
N PHE A 29 -16.16 -3.62 -6.16
CA PHE A 29 -16.02 -2.48 -7.08
C PHE A 29 -14.54 -2.33 -7.43
N LEU A 30 -14.26 -2.15 -8.72
CA LEU A 30 -12.92 -2.03 -9.30
C LEU A 30 -12.86 -0.70 -10.05
N LEU A 31 -11.98 0.20 -9.62
CA LEU A 31 -11.70 1.45 -10.36
C LEU A 31 -10.38 1.26 -11.13
N THR A 32 -10.46 1.40 -12.46
CA THR A 32 -9.32 1.64 -13.37
C THR A 32 -9.44 3.07 -13.87
N VAL A 33 -8.41 3.55 -14.55
CA VAL A 33 -8.33 4.92 -15.09
C VAL A 33 -9.52 5.18 -16.05
N HIS A 34 -10.04 4.18 -16.78
CA HIS A 34 -11.15 4.40 -17.76
C HIS A 34 -12.50 3.79 -17.30
N LYS A 35 -12.54 2.85 -16.35
CA LYS A 35 -13.81 2.13 -16.07
C LYS A 35 -14.03 1.97 -14.57
N LEU A 36 -15.28 2.12 -14.14
CA LEU A 36 -15.73 1.71 -12.79
C LEU A 36 -16.58 0.48 -13.01
N SER A 37 -16.23 -0.65 -12.41
CA SER A 37 -16.88 -1.96 -12.62
C SER A 37 -17.29 -2.55 -11.27
N TYR A 38 -18.23 -3.48 -11.32
CA TYR A 38 -18.64 -4.22 -10.11
C TYR A 38 -18.96 -5.65 -10.49
N TYR A 39 -18.73 -6.50 -9.49
CA TYR A 39 -18.65 -7.97 -9.60
C TYR A 39 -19.34 -8.55 -8.38
N GLU A 40 -20.04 -9.66 -8.57
CA GLU A 40 -20.32 -10.64 -7.49
C GLU A 40 -18.96 -11.08 -6.95
N TYR A 41 -18.74 -11.04 -5.65
CA TYR A 41 -17.44 -11.44 -5.07
C TYR A 41 -17.42 -12.96 -4.88
N ASP A 42 -16.31 -13.59 -5.22
CA ASP A 42 -16.06 -15.03 -4.91
C ASP A 42 -15.23 -15.08 -3.62
N PHE A 43 -15.94 -15.16 -2.50
CA PHE A 43 -15.34 -15.11 -1.15
C PHE A 43 -14.44 -16.31 -0.93
N GLU A 44 -14.92 -17.50 -1.27
N GLU A 44 -14.99 -17.49 -1.21
CA GLU A 44 -14.23 -18.77 -0.93
CA GLU A 44 -14.31 -18.81 -1.05
C GLU A 44 -12.87 -18.86 -1.64
C GLU A 44 -12.89 -18.69 -1.60
N ARG A 45 -12.79 -18.44 -2.91
CA ARG A 45 -11.52 -18.53 -3.67
C ARG A 45 -10.77 -17.20 -3.56
N GLY A 46 -11.39 -16.17 -3.00
CA GLY A 46 -10.79 -14.83 -2.93
C GLY A 46 -10.54 -14.27 -4.33
N ARG A 47 -11.58 -14.12 -5.13
CA ARG A 47 -11.45 -13.43 -6.43
C ARG A 47 -12.74 -12.74 -6.82
N ARG A 48 -12.62 -11.93 -7.85
CA ARG A 48 -13.76 -11.35 -8.58
C ARG A 48 -14.56 -12.54 -9.13
N GLY A 49 -15.82 -12.63 -8.74
CA GLY A 49 -16.80 -13.51 -9.39
C GLY A 49 -17.28 -12.87 -10.68
N SER A 50 -18.52 -13.10 -11.04
CA SER A 50 -19.13 -12.67 -12.32
C SER A 50 -19.25 -11.15 -12.34
N LYS A 51 -18.70 -10.54 -13.39
CA LYS A 51 -18.88 -9.12 -13.71
C LYS A 51 -20.38 -8.87 -13.87
N LYS A 52 -20.90 -7.86 -13.20
CA LYS A 52 -22.34 -7.54 -13.23
C LYS A 52 -22.56 -6.23 -13.98
N GLY A 53 -21.52 -5.43 -14.23
CA GLY A 53 -21.68 -4.14 -14.91
C GLY A 53 -20.46 -3.25 -14.85
N SER A 54 -20.49 -2.18 -15.63
CA SER A 54 -19.37 -1.23 -15.82
C SER A 54 -19.97 0.12 -16.24
N ILE A 55 -19.33 1.23 -15.90
CA ILE A 55 -19.61 2.51 -16.58
C ILE A 55 -18.27 3.11 -16.94
N ASP A 56 -18.26 3.84 -18.05
CA ASP A 56 -17.09 4.66 -18.47
C ASP A 56 -16.93 5.77 -17.44
N VAL A 57 -15.72 5.90 -16.91
CA VAL A 57 -15.26 7.02 -16.05
C VAL A 57 -15.63 8.37 -16.70
N GLU A 58 -15.52 8.47 -18.03
CA GLU A 58 -15.76 9.75 -18.78
C GLU A 58 -17.24 10.16 -18.72
N LYS A 59 -18.17 9.26 -18.39
CA LYS A 59 -19.62 9.61 -18.23
C LYS A 59 -19.93 10.11 -16.80
N ILE A 60 -18.99 10.08 -15.86
CA ILE A 60 -19.26 10.52 -14.46
C ILE A 60 -19.29 12.04 -14.42
N THR A 61 -20.30 12.65 -13.79
CA THR A 61 -20.43 14.13 -13.73
C THR A 61 -20.04 14.64 -12.34
N CYS A 62 -20.15 13.80 -11.33
CA CYS A 62 -20.04 14.29 -9.95
C CYS A 62 -19.80 13.10 -9.02
N VAL A 63 -18.96 13.27 -8.00
CA VAL A 63 -18.76 12.23 -6.96
C VAL A 63 -18.69 12.96 -5.63
N GLU A 64 -19.55 12.62 -4.68
CA GLU A 64 -19.57 13.29 -3.35
C GLU A 64 -20.18 12.34 -2.32
N THR A 65 -20.12 12.76 -1.05
CA THR A 65 -20.72 11.97 0.07
C THR A 65 -22.24 12.17 0.06
N VAL A 66 -22.96 11.26 0.70
CA VAL A 66 -24.45 11.35 0.75
C VAL A 66 -24.86 11.43 2.23
N VAL A 67 -25.78 12.35 2.56
CA VAL A 67 -26.27 12.45 3.97
C VAL A 67 -26.77 11.06 4.38
N PRO A 68 -26.28 10.48 5.50
CA PRO A 68 -26.67 9.13 5.92
C PRO A 68 -28.17 8.92 6.19
N GLU A 69 -28.63 7.68 6.08
CA GLU A 69 -30.04 7.32 6.36
C GLU A 69 -30.31 7.63 7.84
N LYS A 70 -31.49 8.18 8.13
CA LYS A 70 -31.86 8.51 9.54
C LYS A 70 -32.04 7.22 10.33
N ASN A 71 -32.62 6.18 9.71
CA ASN A 71 -32.91 4.90 10.41
C ASN A 71 -32.27 3.71 9.70
N PRO A 72 -30.92 3.66 9.59
CA PRO A 72 -30.31 2.59 8.82
C PRO A 72 -30.59 1.24 9.48
N PRO A 73 -30.81 0.16 8.72
CA PRO A 73 -30.74 -1.19 9.30
C PRO A 73 -29.34 -1.52 9.81
N PRO A 74 -29.20 -2.58 10.64
CA PRO A 74 -27.91 -2.98 11.19
C PRO A 74 -26.73 -3.08 10.20
N GLU A 75 -26.94 -3.65 9.01
CA GLU A 75 -25.95 -3.78 7.90
C GLU A 75 -25.32 -2.42 7.55
N ARG A 76 -25.97 -1.31 7.90
CA ARG A 76 -25.48 0.06 7.58
C ARG A 76 -25.35 0.93 8.83
N GLN A 77 -25.44 0.39 10.04
CA GLN A 77 -25.25 1.18 11.29
C GLN A 77 -23.78 1.18 11.67
N ILE A 78 -23.32 2.25 12.33
CA ILE A 78 -21.91 2.33 12.79
C ILE A 78 -21.76 1.40 14.02
N PRO A 79 -20.77 0.48 14.03
CA PRO A 79 -20.55 -0.42 15.18
C PRO A 79 -20.26 0.38 16.46
N ARG A 80 -20.89 -0.01 17.56
CA ARG A 80 -20.83 0.68 18.89
C ARG A 80 -19.42 0.71 19.48
N ARG A 81 -18.65 -0.37 19.28
CA ARG A 81 -17.24 -0.68 19.70
C ARG A 81 -17.24 -1.55 20.96
N GLY A 82 -16.79 -2.81 20.81
CA GLY A 82 -16.74 -3.78 21.91
C GLY A 82 -18.05 -4.55 22.05
N GLU A 83 -19.03 -4.26 21.20
CA GLU A 83 -20.34 -4.96 21.27
C GLU A 83 -20.28 -6.28 20.49
N GLU A 84 -19.21 -6.51 19.74
CA GLU A 84 -19.08 -7.74 18.92
C GLU A 84 -18.09 -8.72 19.55
N SER A 85 -16.92 -8.22 19.97
CA SER A 85 -15.86 -9.04 20.61
C SER A 85 -14.97 -8.12 21.44
N SER A 86 -14.01 -8.68 22.17
CA SER A 86 -13.29 -7.99 23.25
C SER A 86 -12.24 -7.09 22.63
N GLU A 87 -11.69 -7.47 21.47
CA GLU A 87 -10.60 -6.75 20.79
C GLU A 87 -10.49 -7.26 19.34
N MET A 88 -9.67 -6.58 18.54
CA MET A 88 -9.43 -6.94 17.11
C MET A 88 -10.76 -7.16 16.41
N GLU A 89 -11.66 -6.18 16.48
CA GLU A 89 -12.98 -6.25 15.78
C GLU A 89 -12.74 -5.71 14.37
N GLN A 90 -12.39 -6.60 13.43
CA GLN A 90 -12.04 -6.17 12.05
C GLN A 90 -13.09 -6.66 11.02
N ILE A 91 -13.78 -7.76 11.31
CA ILE A 91 -14.77 -8.39 10.39
C ILE A 91 -15.94 -7.44 10.08
N SER A 92 -16.14 -6.40 10.89
CA SER A 92 -17.10 -5.32 10.56
C SER A 92 -16.79 -4.75 9.17
N ILE A 93 -15.52 -4.77 8.72
CA ILE A 93 -15.10 -4.19 7.41
C ILE A 93 -15.74 -4.94 6.25
N ILE A 94 -16.31 -6.13 6.43
CA ILE A 94 -17.11 -6.79 5.34
C ILE A 94 -18.55 -7.06 5.80
N GLU A 95 -18.98 -6.54 6.94
CA GLU A 95 -20.33 -6.78 7.50
C GLU A 95 -21.14 -5.46 7.61
N ARG A 96 -20.48 -4.36 7.99
CA ARG A 96 -21.19 -3.06 8.17
C ARG A 96 -20.68 -2.03 7.16
N PHE A 97 -21.61 -1.36 6.47
CA PHE A 97 -21.29 -0.34 5.44
C PHE A 97 -22.13 0.91 5.70
N PRO A 98 -21.79 1.73 6.73
CA PRO A 98 -22.59 2.91 7.07
C PRO A 98 -22.16 4.26 6.44
N TYR A 99 -21.12 4.26 5.60
CA TYR A 99 -20.66 5.54 4.99
C TYR A 99 -20.98 5.55 3.49
N PRO A 100 -22.09 6.20 3.07
CA PRO A 100 -22.47 6.24 1.66
C PRO A 100 -21.87 7.39 0.84
N PHE A 101 -21.61 7.12 -0.44
CA PHE A 101 -21.10 8.13 -1.40
C PHE A 101 -21.88 7.96 -2.71
N GLN A 102 -21.90 8.98 -3.56
CA GLN A 102 -22.71 8.86 -4.80
C GLN A 102 -21.90 9.18 -6.07
N VAL A 103 -22.03 8.31 -7.07
CA VAL A 103 -21.46 8.54 -8.41
C VAL A 103 -22.60 8.93 -9.35
N VAL A 104 -22.63 10.17 -9.77
CA VAL A 104 -23.66 10.69 -10.69
C VAL A 104 -23.14 10.53 -12.12
N TYR A 105 -23.93 9.92 -12.98
CA TYR A 105 -23.69 9.94 -14.44
C TYR A 105 -24.99 10.39 -15.13
N ASP A 106 -25.20 10.00 -16.41
N ASP A 106 -25.22 9.92 -16.35
CA ASP A 106 -26.36 10.39 -17.25
CA ASP A 106 -26.31 10.36 -17.26
C ASP A 106 -27.65 9.91 -16.58
C ASP A 106 -27.65 9.89 -16.67
N GLU A 107 -27.74 8.60 -16.31
CA GLU A 107 -28.94 7.95 -15.70
C GLU A 107 -29.33 8.62 -14.37
N GLY A 108 -28.37 9.26 -13.69
CA GLY A 108 -28.54 9.79 -12.32
C GLY A 108 -27.67 9.01 -11.35
N PRO A 109 -27.94 9.06 -10.02
CA PRO A 109 -26.96 8.66 -9.02
C PRO A 109 -26.87 7.15 -8.74
N LEU A 110 -25.63 6.71 -8.52
CA LEU A 110 -25.33 5.32 -8.10
C LEU A 110 -25.00 5.44 -6.60
N TYR A 111 -25.72 4.74 -5.72
CA TYR A 111 -25.44 4.86 -4.27
C TYR A 111 -24.55 3.70 -3.81
N VAL A 112 -23.38 4.03 -3.26
CA VAL A 112 -22.40 3.01 -2.77
C VAL A 112 -22.11 3.26 -1.29
N PHE A 113 -22.12 2.19 -0.48
CA PHE A 113 -21.86 2.31 0.98
C PHE A 113 -20.49 1.71 1.32
N SER A 114 -19.64 2.52 1.96
CA SER A 114 -18.27 2.09 2.36
C SER A 114 -18.28 1.68 3.83
N PRO A 115 -17.50 0.65 4.23
CA PRO A 115 -17.46 0.22 5.64
C PRO A 115 -16.72 1.23 6.54
N THR A 116 -15.83 2.04 5.97
CA THR A 116 -15.06 3.03 6.79
C THR A 116 -15.03 4.41 6.10
N GLU A 117 -14.87 5.46 6.90
CA GLU A 117 -14.78 6.85 6.38
C GLU A 117 -13.50 6.98 5.54
N GLU A 118 -12.40 6.38 6.00
CA GLU A 118 -11.09 6.47 5.29
C GLU A 118 -11.22 5.87 3.88
N LEU A 119 -11.89 4.72 3.76
CA LEU A 119 -12.07 4.08 2.43
C LEU A 119 -12.93 4.98 1.55
N ARG A 120 -13.99 5.57 2.12
CA ARG A 120 -14.88 6.47 1.33
C ARG A 120 -14.09 7.69 0.85
N LYS A 121 -13.25 8.24 1.73
CA LYS A 121 -12.43 9.44 1.39
C LYS A 121 -11.50 9.09 0.21
N ARG A 122 -10.83 7.94 0.28
CA ARG A 122 -9.90 7.50 -0.77
C ARG A 122 -10.64 7.38 -2.12
N TRP A 123 -11.79 6.72 -2.12
CA TRP A 123 -12.59 6.48 -3.34
C TRP A 123 -13.05 7.80 -3.96
N ILE A 124 -13.57 8.71 -3.14
CA ILE A 124 -13.97 10.07 -3.61
C ILE A 124 -12.75 10.80 -4.19
N HIS A 125 -11.62 10.81 -3.47
CA HIS A 125 -10.40 11.55 -3.88
C HIS A 125 -9.85 10.96 -5.20
N GLN A 126 -9.77 9.64 -5.31
CA GLN A 126 -9.28 8.99 -6.54
C GLN A 126 -10.30 9.16 -7.67
N LEU A 127 -11.59 9.15 -7.37
CA LEU A 127 -12.63 9.31 -8.44
C LEU A 127 -12.55 10.74 -8.99
N LYS A 128 -12.43 11.74 -8.12
CA LYS A 128 -12.31 13.16 -8.54
C LYS A 128 -11.11 13.33 -9.46
N ASN A 129 -9.99 12.71 -9.08
CA ASN A 129 -8.73 12.74 -9.85
C ASN A 129 -9.02 12.18 -11.25
N VAL A 130 -9.57 10.96 -11.36
CA VAL A 130 -9.76 10.32 -12.69
C VAL A 130 -10.84 11.02 -13.54
N ILE A 131 -11.73 11.83 -12.94
CA ILE A 131 -12.79 12.51 -13.72
C ILE A 131 -12.45 13.99 -13.94
N ARG A 132 -11.23 14.40 -13.61
CA ARG A 132 -10.82 15.83 -13.69
C ARG A 132 -10.94 16.39 -15.11
N TYR A 133 -10.68 15.58 -16.14
CA TYR A 133 -10.71 16.04 -17.55
C TYR A 133 -12.09 15.77 -18.19
N ASN A 134 -13.07 15.33 -17.41
CA ASN A 134 -14.42 15.03 -17.96
C ASN A 134 -15.07 16.30 -18.52
N SER A 135 -15.76 16.15 -19.66
CA SER A 135 -16.45 17.26 -20.36
C SER A 135 -17.69 17.77 -19.62
N ASP A 136 -18.46 16.89 -18.97
CA ASP A 136 -19.75 17.30 -18.36
C ASP A 136 -19.75 17.31 -16.82
N LEU A 137 -18.71 17.85 -16.19
CA LEU A 137 -18.69 17.97 -14.70
C LEU A 137 -19.78 18.96 -14.26
N VAL A 138 -20.64 18.62 -13.30
CA VAL A 138 -21.66 19.58 -12.78
C VAL A 138 -21.08 20.26 -11.54
N GLN A 139 -21.50 21.50 -11.26
CA GLN A 139 -21.10 22.27 -10.06
C GLN A 139 -22.28 22.30 -9.08
N LYS A 140 -23.25 21.40 -9.29
CA LYS A 140 -24.46 21.32 -8.44
C LYS A 140 -24.76 19.85 -8.16
N TYR A 141 -25.16 19.53 -6.92
CA TYR A 141 -25.41 18.11 -6.57
C TYR A 141 -26.51 17.99 -5.50
N HIS A 142 -27.00 16.78 -5.30
CA HIS A 142 -28.02 16.45 -4.26
C HIS A 142 -27.30 15.88 -3.05
N PRO A 143 -27.35 16.53 -1.87
CA PRO A 143 -26.68 16.03 -0.67
C PRO A 143 -27.44 14.88 0.00
N CYS A 144 -28.70 14.66 -0.40
CA CYS A 144 -29.54 13.60 0.21
C CYS A 144 -29.93 12.54 -0.83
N PHE A 145 -30.25 11.34 -0.35
CA PHE A 145 -30.63 10.18 -1.20
C PHE A 145 -31.95 10.43 -1.91
N TRP A 146 -32.07 9.86 -3.12
CA TRP A 146 -33.36 9.88 -3.87
C TRP A 146 -34.11 8.62 -3.42
N ILE A 147 -35.26 8.78 -2.75
CA ILE A 147 -36.01 7.60 -2.25
C ILE A 147 -37.51 7.83 -2.43
N ASP A 148 -38.25 6.77 -2.75
CA ASP A 148 -39.73 6.83 -2.93
C ASP A 148 -40.12 7.84 -4.01
N GLY A 149 -39.37 7.89 -5.12
CA GLY A 149 -39.70 8.76 -6.27
C GLY A 149 -39.24 10.21 -6.17
N GLN A 150 -38.48 10.58 -5.14
CA GLN A 150 -38.02 12.00 -5.06
C GLN A 150 -36.74 12.13 -4.24
N TYR A 151 -36.04 13.26 -4.39
CA TYR A 151 -34.80 13.55 -3.61
C TYR A 151 -35.22 14.12 -2.25
N LEU A 152 -34.68 13.59 -1.15
CA LEU A 152 -35.06 14.12 0.19
C LEU A 152 -34.67 15.59 0.30
N CYS A 153 -33.52 15.96 -0.27
CA CYS A 153 -32.96 17.33 -0.20
C CYS A 153 -33.83 18.41 -0.86
N CYS A 154 -34.42 18.15 -2.04
CA CYS A 154 -35.17 19.24 -2.73
C CYS A 154 -36.53 18.81 -3.26
N SER A 155 -36.96 17.57 -2.97
CA SER A 155 -38.28 17.01 -3.35
C SER A 155 -38.47 16.94 -4.86
N GLN A 156 -37.44 17.18 -5.70
CA GLN A 156 -37.55 17.04 -7.18
C GLN A 156 -37.72 15.56 -7.55
N THR A 157 -38.43 15.25 -8.64
CA THR A 157 -38.93 13.89 -8.97
C THR A 157 -38.41 13.42 -10.32
N ALA A 158 -37.33 14.01 -10.85
CA ALA A 158 -36.52 13.45 -11.95
C ALA A 158 -35.14 13.10 -11.37
N LYS A 159 -34.75 11.81 -11.41
CA LYS A 159 -33.44 11.30 -10.92
C LYS A 159 -32.30 12.12 -11.52
N ASN A 160 -32.50 12.70 -12.71
CA ASN A 160 -31.53 13.53 -13.46
C ASN A 160 -31.79 15.03 -13.22
N ALA A 161 -32.69 15.37 -12.30
CA ALA A 161 -32.91 16.77 -11.89
C ALA A 161 -31.56 17.44 -11.57
N MET A 162 -31.42 18.69 -11.97
CA MET A 162 -30.26 19.53 -11.58
C MET A 162 -30.16 19.53 -10.05
N GLY A 163 -28.93 19.50 -9.54
CA GLY A 163 -28.63 19.52 -8.10
C GLY A 163 -29.16 20.76 -7.42
N CYS A 164 -29.73 20.60 -6.22
CA CYS A 164 -30.32 21.72 -5.44
C CYS A 164 -29.24 22.48 -4.65
N GLN A 165 -28.04 21.91 -4.52
CA GLN A 165 -26.97 22.57 -3.73
C GLN A 165 -25.70 22.70 -4.58
N ILE A 166 -24.97 23.81 -4.41
CA ILE A 166 -23.73 24.07 -5.20
C ILE A 166 -22.57 23.32 -4.53
N LEU A 167 -21.55 22.96 -5.32
CA LEU A 167 -20.33 22.27 -4.85
C LEU A 167 -19.24 23.30 -4.54
N GLU A 168 -18.41 23.05 -3.52
CA GLU A 168 -17.27 23.94 -3.11
C GLU A 168 -15.98 23.52 -3.83
N ALA B 1 -21.65 -16.63 26.18
CA ALA B 1 -20.50 -15.97 26.89
C ALA B 1 -19.98 -14.80 26.06
N ALA B 2 -18.99 -14.07 26.60
CA ALA B 2 -18.27 -12.98 25.91
C ALA B 2 -17.45 -13.58 24.76
N VAL B 3 -17.62 -13.01 23.56
CA VAL B 3 -16.81 -13.37 22.39
C VAL B 3 -15.48 -12.65 22.57
N ILE B 4 -14.44 -13.40 22.86
CA ILE B 4 -13.11 -12.79 23.11
C ILE B 4 -12.59 -12.35 21.74
N LEU B 5 -12.75 -13.19 20.72
CA LEU B 5 -12.15 -12.96 19.38
C LEU B 5 -13.04 -13.61 18.34
N GLU B 6 -13.08 -12.98 17.16
CA GLU B 6 -13.92 -13.35 16.00
C GLU B 6 -13.13 -13.02 14.73
N SER B 7 -12.75 -14.02 13.92
CA SER B 7 -11.79 -13.84 12.80
C SER B 7 -12.09 -14.84 11.69
N ILE B 8 -11.81 -14.46 10.43
CA ILE B 8 -11.78 -15.41 9.28
C ILE B 8 -10.34 -15.89 9.11
N PHE B 9 -10.12 -17.20 9.16
CA PHE B 9 -8.81 -17.82 8.97
C PHE B 9 -8.94 -18.85 7.86
N LEU B 10 -7.80 -19.28 7.36
CA LEU B 10 -7.62 -20.47 6.49
C LEU B 10 -7.20 -21.63 7.41
N LYS B 11 -7.96 -22.71 7.52
CA LYS B 11 -7.49 -23.80 8.39
C LYS B 11 -7.12 -25.01 7.52
N ARG B 12 -6.15 -25.79 7.95
CA ARG B 12 -5.85 -27.09 7.31
C ARG B 12 -6.79 -28.17 7.85
N SER B 13 -7.58 -28.79 6.98
CA SER B 13 -8.52 -29.87 7.34
C SER B 13 -7.73 -31.10 7.79
N GLN B 14 -8.32 -31.94 8.65
CA GLN B 14 -7.65 -33.08 9.34
C GLN B 14 -8.05 -34.37 8.60
N LEU B 22 -4.74 -32.86 0.99
CA LEU B 22 -4.80 -31.81 2.05
C LEU B 22 -5.70 -30.64 1.57
N ASN B 23 -6.77 -30.38 2.32
CA ASN B 23 -7.70 -29.25 2.06
C ASN B 23 -7.36 -28.08 2.98
N PHE B 24 -7.40 -26.86 2.45
CA PHE B 24 -7.39 -25.61 3.25
C PHE B 24 -8.74 -24.94 3.05
N LYS B 25 -9.39 -24.56 4.14
CA LYS B 25 -10.77 -24.07 4.07
C LYS B 25 -10.82 -22.77 4.81
N LYS B 26 -11.53 -21.82 4.22
CA LYS B 26 -11.80 -20.48 4.79
C LYS B 26 -12.95 -20.62 5.76
N ARG B 27 -12.75 -20.24 7.02
CA ARG B 27 -13.72 -20.44 8.11
C ARG B 27 -13.67 -19.26 9.09
N LEU B 28 -14.81 -18.98 9.71
CA LEU B 28 -15.00 -17.99 10.79
C LEU B 28 -14.71 -18.75 12.08
N PHE B 29 -13.76 -18.25 12.88
CA PHE B 29 -13.38 -18.84 14.19
C PHE B 29 -13.90 -17.94 15.29
N LEU B 30 -14.45 -18.52 16.35
CA LEU B 30 -14.97 -17.81 17.54
C LEU B 30 -14.27 -18.35 18.78
N LEU B 31 -13.79 -17.47 19.65
CA LEU B 31 -13.21 -17.90 20.94
C LEU B 31 -14.02 -17.30 22.09
N THR B 32 -14.50 -18.18 22.97
CA THR B 32 -15.03 -17.87 24.32
C THR B 32 -14.07 -18.45 25.39
N VAL B 33 -14.37 -18.28 26.70
CA VAL B 33 -13.56 -18.95 27.78
C VAL B 33 -13.74 -20.47 27.72
N HIS B 34 -14.86 -20.99 27.19
CA HIS B 34 -15.22 -22.43 27.21
C HIS B 34 -14.79 -23.16 25.94
N LYS B 35 -15.01 -22.61 24.74
CA LYS B 35 -14.67 -23.34 23.50
C LYS B 35 -14.12 -22.45 22.39
N LEU B 36 -13.32 -23.07 21.52
CA LEU B 36 -12.90 -22.55 20.21
C LEU B 36 -13.77 -23.21 19.17
N SER B 37 -14.56 -22.46 18.39
CA SER B 37 -15.48 -22.97 17.34
C SER B 37 -15.10 -22.39 15.98
N TYR B 38 -15.51 -23.09 14.95
CA TYR B 38 -15.36 -22.60 13.57
C TYR B 38 -16.62 -22.94 12.79
N TYR B 39 -16.93 -22.04 11.86
CA TYR B 39 -18.16 -22.03 11.02
C TYR B 39 -17.76 -21.73 9.59
N GLU B 40 -18.58 -22.22 8.67
CA GLU B 40 -18.69 -21.69 7.30
C GLU B 40 -19.14 -20.24 7.43
N TYR B 41 -18.59 -19.33 6.64
CA TYR B 41 -18.99 -17.91 6.66
C TYR B 41 -19.94 -17.62 5.50
N ASP B 42 -21.02 -16.91 5.82
CA ASP B 42 -22.06 -16.53 4.83
C ASP B 42 -21.77 -15.08 4.41
N PHE B 43 -21.09 -14.94 3.28
CA PHE B 43 -20.50 -13.66 2.85
C PHE B 43 -21.59 -12.65 2.49
N GLU B 44 -22.55 -13.05 1.66
CA GLU B 44 -23.71 -12.20 1.28
C GLU B 44 -24.36 -11.60 2.54
N ARG B 45 -24.84 -12.43 3.48
CA ARG B 45 -25.53 -11.96 4.72
C ARG B 45 -24.54 -11.42 5.75
N GLY B 46 -23.23 -11.63 5.59
CA GLY B 46 -22.22 -11.09 6.52
C GLY B 46 -22.40 -11.60 7.94
N ARG B 47 -22.72 -12.89 8.09
CA ARG B 47 -22.80 -13.58 9.41
C ARG B 47 -22.23 -15.02 9.30
N ARG B 48 -21.99 -15.68 10.45
CA ARG B 48 -21.62 -17.12 10.48
C ARG B 48 -22.71 -17.96 9.79
N GLY B 49 -22.31 -19.01 9.06
CA GLY B 49 -23.20 -20.05 8.53
C GLY B 49 -23.19 -21.31 9.41
N SER B 50 -22.95 -22.49 8.83
CA SER B 50 -22.98 -23.81 9.52
C SER B 50 -21.76 -23.93 10.45
N LYS B 51 -22.01 -24.17 11.75
CA LYS B 51 -21.00 -24.59 12.76
C LYS B 51 -20.37 -25.92 12.34
N LYS B 52 -19.06 -25.91 12.05
CA LYS B 52 -18.30 -27.05 11.50
C LYS B 52 -17.63 -27.83 12.62
N GLY B 53 -17.41 -27.24 13.79
CA GLY B 53 -16.64 -27.94 14.84
C GLY B 53 -16.39 -27.07 16.04
N SER B 54 -15.89 -27.70 17.10
CA SER B 54 -15.61 -27.14 18.44
C SER B 54 -14.46 -27.92 19.10
N ILE B 55 -13.61 -27.25 19.86
CA ILE B 55 -12.60 -27.83 20.80
C ILE B 55 -12.88 -27.18 22.15
N ASP B 56 -13.18 -27.97 23.17
CA ASP B 56 -13.17 -27.53 24.58
C ASP B 56 -11.80 -26.94 24.88
N VAL B 57 -11.78 -25.70 25.37
CA VAL B 57 -10.53 -24.99 25.75
C VAL B 57 -9.73 -25.82 26.77
N GLU B 58 -10.43 -26.58 27.61
CA GLU B 58 -9.75 -27.39 28.66
C GLU B 58 -8.93 -28.52 28.03
N LYS B 59 -9.16 -28.83 26.75
CA LYS B 59 -8.41 -29.93 26.08
C LYS B 59 -7.16 -29.40 25.38
N ILE B 60 -6.91 -28.09 25.43
CA ILE B 60 -5.73 -27.50 24.75
C ILE B 60 -4.50 -27.58 25.67
N THR B 61 -3.38 -28.07 25.15
CA THR B 61 -2.11 -28.29 25.89
C THR B 61 -1.05 -27.28 25.47
N CYS B 62 -1.21 -26.65 24.32
CA CYS B 62 -0.17 -25.78 23.70
C CYS B 62 -0.77 -24.91 22.59
N VAL B 63 -0.28 -23.67 22.45
CA VAL B 63 -0.62 -22.73 21.33
C VAL B 63 0.63 -21.93 20.99
N GLU B 64 1.13 -22.02 19.76
CA GLU B 64 2.37 -21.32 19.32
C GLU B 64 2.32 -21.11 17.80
N THR B 65 3.23 -20.31 17.26
CA THR B 65 3.43 -20.16 15.80
C THR B 65 3.91 -21.51 15.23
N VAL B 66 4.00 -21.58 13.92
CA VAL B 66 4.57 -22.71 13.15
C VAL B 66 5.47 -22.10 12.10
N VAL B 67 6.57 -22.77 11.77
CA VAL B 67 7.49 -22.42 10.66
C VAL B 67 6.69 -22.52 9.37
N PRO B 68 6.70 -21.47 8.52
CA PRO B 68 5.91 -21.50 7.30
C PRO B 68 6.42 -22.51 6.28
N GLU B 69 5.54 -22.89 5.35
CA GLU B 69 5.87 -23.66 4.13
C GLU B 69 7.02 -22.94 3.41
N LYS B 70 7.95 -23.71 2.84
CA LYS B 70 9.01 -23.20 1.96
C LYS B 70 8.41 -22.77 0.61
N ASN B 71 7.36 -23.45 0.14
CA ASN B 71 6.71 -23.13 -1.15
C ASN B 71 5.22 -22.94 -0.95
N PRO B 72 4.82 -21.86 -0.27
CA PRO B 72 3.40 -21.64 -0.06
C PRO B 72 2.74 -21.31 -1.39
N PRO B 73 1.50 -21.76 -1.63
CA PRO B 73 0.72 -21.24 -2.73
C PRO B 73 0.35 -19.78 -2.45
N PRO B 74 -0.06 -19.00 -3.50
CA PRO B 74 -0.38 -17.58 -3.36
C PRO B 74 -1.28 -17.25 -2.15
N GLU B 75 -2.34 -18.03 -1.93
CA GLU B 75 -3.32 -17.87 -0.83
C GLU B 75 -2.61 -17.75 0.53
N ARG B 76 -1.44 -18.37 0.72
CA ARG B 76 -0.69 -18.35 2.01
C ARG B 76 0.66 -17.65 1.83
N GLN B 77 0.82 -16.81 0.80
CA GLN B 77 2.00 -15.91 0.68
C GLN B 77 1.65 -14.51 1.21
N ILE B 78 2.65 -13.76 1.66
CA ILE B 78 2.54 -12.34 2.14
C ILE B 78 2.03 -11.45 1.00
N GLU B 87 -5.24 0.95 9.48
CA GLU B 87 -5.55 0.85 8.03
C GLU B 87 -5.55 -0.64 7.61
N MET B 88 -6.56 -1.38 8.04
CA MET B 88 -6.93 -2.73 7.51
C MET B 88 -7.03 -2.69 5.99
N GLU B 89 -6.37 -3.62 5.30
CA GLU B 89 -6.55 -3.81 3.84
C GLU B 89 -7.74 -4.78 3.66
N GLN B 90 -8.92 -4.27 3.32
CA GLN B 90 -10.19 -5.05 3.33
C GLN B 90 -10.02 -6.33 2.51
N ILE B 91 -9.43 -6.24 1.33
CA ILE B 91 -9.34 -7.41 0.41
C ILE B 91 -8.28 -8.38 0.93
N SER B 92 -7.06 -7.92 1.09
CA SER B 92 -5.93 -8.84 1.43
C SER B 92 -6.23 -9.55 2.76
N ILE B 93 -6.93 -8.91 3.70
CA ILE B 93 -7.22 -9.50 5.04
C ILE B 93 -8.17 -10.71 4.93
N ILE B 94 -8.93 -10.89 3.84
CA ILE B 94 -9.83 -12.07 3.67
C ILE B 94 -9.38 -12.95 2.50
N GLU B 95 -8.26 -12.64 1.85
CA GLU B 95 -7.72 -13.36 0.67
C GLU B 95 -6.37 -14.00 0.91
N ARG B 96 -5.53 -13.44 1.78
N ARG B 96 -5.51 -13.41 1.75
CA ARG B 96 -4.13 -13.93 1.95
CA ARG B 96 -4.11 -13.88 1.98
C ARG B 96 -3.84 -14.22 3.42
C ARG B 96 -3.92 -14.24 3.44
N PHE B 97 -3.40 -15.46 3.69
CA PHE B 97 -3.24 -16.05 5.04
C PHE B 97 -1.81 -16.56 5.23
N PRO B 98 -0.81 -15.66 5.43
CA PRO B 98 0.59 -16.05 5.51
C PRO B 98 1.11 -16.58 6.85
N TYR B 99 0.39 -16.40 7.96
CA TYR B 99 0.96 -16.52 9.33
C TYR B 99 0.34 -17.67 10.10
N PRO B 100 0.94 -18.87 10.04
CA PRO B 100 0.38 -20.04 10.71
C PRO B 100 0.62 -20.04 12.22
N PHE B 101 -0.35 -20.59 12.92
CA PHE B 101 -0.20 -20.98 14.35
C PHE B 101 -0.85 -22.34 14.53
N GLN B 102 -0.50 -23.01 15.63
CA GLN B 102 -0.95 -24.38 15.93
C GLN B 102 -1.71 -24.38 17.27
N VAL B 103 -2.81 -25.14 17.30
CA VAL B 103 -3.58 -25.42 18.53
C VAL B 103 -3.45 -26.92 18.77
N VAL B 104 -2.70 -27.27 19.80
CA VAL B 104 -2.45 -28.70 20.14
C VAL B 104 -3.49 -29.14 21.16
N TYR B 105 -4.15 -30.27 20.89
CA TYR B 105 -5.19 -30.84 21.76
C TYR B 105 -5.11 -32.37 21.69
N ASP B 106 -6.08 -33.06 22.29
CA ASP B 106 -6.06 -34.54 22.35
C ASP B 106 -5.98 -35.11 20.93
N GLU B 107 -6.76 -34.58 19.99
CA GLU B 107 -6.71 -35.10 18.59
C GLU B 107 -5.64 -34.36 17.78
N GLY B 108 -4.36 -34.48 18.19
CA GLY B 108 -3.21 -33.88 17.49
C GLY B 108 -3.23 -32.36 17.39
N PRO B 109 -2.46 -31.77 16.45
CA PRO B 109 -2.45 -30.33 16.25
C PRO B 109 -3.34 -29.83 15.11
N LEU B 110 -4.00 -28.69 15.35
CA LEU B 110 -4.82 -27.94 14.37
C LEU B 110 -3.99 -26.76 13.86
N TYR B 111 -3.93 -26.59 12.56
CA TYR B 111 -3.17 -25.55 11.84
C TYR B 111 -4.16 -24.50 11.31
N VAL B 112 -3.97 -23.26 11.77
CA VAL B 112 -4.78 -22.07 11.43
C VAL B 112 -3.82 -21.04 10.82
N PHE B 113 -4.14 -20.47 9.66
CA PHE B 113 -3.37 -19.36 9.04
C PHE B 113 -4.13 -18.05 9.20
N SER B 114 -3.44 -17.08 9.79
CA SER B 114 -3.90 -15.70 10.04
C SER B 114 -3.42 -14.83 8.92
N PRO B 115 -4.28 -13.87 8.50
CA PRO B 115 -3.91 -12.93 7.45
C PRO B 115 -2.85 -11.92 7.89
N THR B 116 -2.70 -11.69 9.21
CA THR B 116 -1.70 -10.71 9.72
C THR B 116 -0.94 -11.28 10.92
N GLU B 117 0.27 -10.79 11.12
CA GLU B 117 1.08 -11.11 12.32
C GLU B 117 0.37 -10.62 13.57
N GLU B 118 -0.14 -9.39 13.54
CA GLU B 118 -0.82 -8.75 14.69
C GLU B 118 -1.98 -9.62 15.18
N LEU B 119 -2.81 -10.08 14.24
CA LEU B 119 -4.02 -10.89 14.55
C LEU B 119 -3.59 -12.25 15.10
N ARG B 120 -2.62 -12.91 14.47
CA ARG B 120 -1.97 -14.14 15.01
C ARG B 120 -1.49 -13.92 16.46
N LYS B 121 -0.71 -12.87 16.71
CA LYS B 121 -0.21 -12.58 18.08
C LYS B 121 -1.40 -12.41 19.05
N ARG B 122 -2.49 -11.73 18.65
CA ARG B 122 -3.62 -11.48 19.57
C ARG B 122 -4.38 -12.79 19.84
N TRP B 123 -4.51 -13.67 18.85
CA TRP B 123 -5.10 -15.02 19.05
C TRP B 123 -4.18 -15.86 19.94
N ILE B 124 -2.86 -15.88 19.71
CA ILE B 124 -1.94 -16.71 20.55
C ILE B 124 -2.03 -16.17 21.99
N HIS B 125 -2.07 -14.85 22.17
CA HIS B 125 -2.14 -14.16 23.49
C HIS B 125 -3.43 -14.53 24.22
N GLN B 126 -4.58 -14.46 23.56
CA GLN B 126 -5.89 -14.71 24.20
C GLN B 126 -6.09 -16.21 24.43
N LEU B 127 -5.70 -17.05 23.48
CA LEU B 127 -5.76 -18.53 23.72
C LEU B 127 -4.85 -18.91 24.91
N LYS B 128 -3.67 -18.30 25.07
CA LYS B 128 -2.82 -18.59 26.25
C LYS B 128 -3.59 -18.17 27.52
N ASN B 129 -4.40 -17.10 27.47
CA ASN B 129 -5.15 -16.60 28.64
C ASN B 129 -6.27 -17.59 28.99
N VAL B 130 -6.96 -18.20 28.03
CA VAL B 130 -8.12 -19.08 28.36
C VAL B 130 -7.64 -20.48 28.75
N ILE B 131 -6.46 -20.93 28.29
CA ILE B 131 -5.89 -22.26 28.65
C ILE B 131 -5.01 -22.16 29.92
N ARG B 132 -4.86 -20.98 30.52
CA ARG B 132 -3.83 -20.70 31.55
C ARG B 132 -3.98 -21.62 32.79
N TYR B 133 -5.19 -22.09 33.10
CA TYR B 133 -5.47 -22.94 34.29
C TYR B 133 -5.38 -24.45 33.95
N ASN B 134 -5.10 -24.83 32.70
CA ASN B 134 -5.23 -26.25 32.27
C ASN B 134 -4.16 -27.11 32.96
N SER B 135 -4.52 -28.35 33.26
CA SER B 135 -3.63 -29.35 33.93
C SER B 135 -2.45 -29.75 33.04
N ASP B 136 -2.71 -30.03 31.74
CA ASP B 136 -1.82 -30.81 30.83
C ASP B 136 -1.03 -29.90 29.88
N LEU B 137 -0.88 -28.61 30.19
CA LEU B 137 -0.03 -27.68 29.41
C LEU B 137 1.34 -28.35 29.27
N VAL B 138 1.95 -28.29 28.09
CA VAL B 138 3.27 -28.94 27.82
C VAL B 138 4.36 -27.87 27.73
N GLN B 139 5.62 -28.29 27.89
CA GLN B 139 6.81 -27.39 27.90
C GLN B 139 7.61 -27.60 26.61
N LYS B 140 7.12 -28.48 25.73
CA LYS B 140 7.79 -28.83 24.47
C LYS B 140 6.74 -28.82 23.36
N TYR B 141 7.19 -28.64 22.13
CA TYR B 141 6.28 -28.60 20.96
C TYR B 141 7.07 -28.91 19.71
N HIS B 142 6.31 -29.03 18.62
CA HIS B 142 6.81 -29.32 17.27
C HIS B 142 6.75 -28.00 16.49
N PRO B 143 7.90 -27.34 16.24
CA PRO B 143 7.90 -26.02 15.59
C PRO B 143 7.42 -26.06 14.14
N CYS B 144 7.40 -27.23 13.52
CA CYS B 144 7.10 -27.44 12.09
C CYS B 144 5.87 -28.34 11.98
N PHE B 145 5.23 -28.32 10.80
CA PHE B 145 3.97 -29.03 10.49
C PHE B 145 4.18 -30.55 10.57
N TRP B 146 3.17 -31.21 11.13
CA TRP B 146 2.83 -32.60 10.78
C TRP B 146 2.37 -32.65 9.32
N ILE B 147 3.09 -33.39 8.48
CA ILE B 147 2.62 -33.69 7.10
C ILE B 147 3.06 -35.08 6.65
N ASP B 148 2.16 -35.80 5.97
CA ASP B 148 2.46 -37.10 5.30
C ASP B 148 2.94 -38.10 6.34
N GLY B 149 2.23 -38.20 7.46
CA GLY B 149 2.50 -39.21 8.49
C GLY B 149 3.71 -38.91 9.34
N GLN B 150 4.33 -37.73 9.22
CA GLN B 150 5.35 -37.29 10.21
C GLN B 150 5.51 -35.76 10.32
N TYR B 151 6.13 -35.37 11.45
CA TYR B 151 6.63 -34.02 11.77
C TYR B 151 7.89 -33.70 10.97
N LEU B 152 7.89 -32.59 10.24
CA LEU B 152 9.05 -32.16 9.42
C LEU B 152 10.20 -31.83 10.36
N CYS B 153 9.93 -31.44 11.60
CA CYS B 153 11.00 -30.95 12.51
C CYS B 153 11.88 -32.11 13.01
N CYS B 154 11.29 -33.25 13.32
CA CYS B 154 11.92 -34.29 14.17
C CYS B 154 11.68 -35.68 13.58
N SER B 155 10.87 -35.76 12.53
CA SER B 155 10.53 -36.98 11.75
C SER B 155 9.76 -38.01 12.62
N GLN B 156 9.34 -37.66 13.83
CA GLN B 156 8.45 -38.55 14.61
C GLN B 156 7.17 -38.78 13.81
N THR B 157 6.58 -39.97 13.94
CA THR B 157 5.45 -40.47 13.11
C THR B 157 4.22 -40.76 13.97
N ALA B 158 4.17 -40.26 15.20
CA ALA B 158 2.92 -40.16 15.96
C ALA B 158 2.60 -38.67 16.12
N LYS B 159 1.44 -38.23 15.62
CA LYS B 159 0.82 -36.88 15.82
C LYS B 159 1.04 -36.36 17.25
N ASN B 160 0.79 -37.22 18.23
CA ASN B 160 0.79 -36.89 19.68
C ASN B 160 2.19 -37.17 20.27
N ALA B 161 3.22 -37.45 19.47
CA ALA B 161 4.63 -37.42 19.93
C ALA B 161 4.85 -36.18 20.81
N MET B 162 5.62 -36.33 21.88
CA MET B 162 6.13 -35.20 22.70
C MET B 162 6.97 -34.29 21.78
N GLY B 163 6.86 -32.98 21.99
CA GLY B 163 7.62 -31.97 21.22
C GLY B 163 9.12 -32.19 21.27
N CYS B 164 9.79 -31.83 20.18
CA CYS B 164 11.23 -32.02 19.92
C CYS B 164 11.98 -30.75 20.33
N GLN B 165 11.26 -29.66 20.58
CA GLN B 165 11.82 -28.33 20.94
C GLN B 165 11.17 -27.91 22.25
N ILE B 166 11.95 -27.30 23.14
CA ILE B 166 11.46 -26.68 24.40
C ILE B 166 10.65 -25.42 24.06
N LEU B 167 9.70 -25.04 24.92
CA LEU B 167 8.79 -23.86 24.76
C LEU B 167 9.37 -22.59 25.41
N GLU B 168 8.81 -21.43 25.03
CA GLU B 168 9.06 -20.10 25.63
C GLU B 168 7.74 -19.31 25.70
N ALA C 1 -12.99 10.71 -26.37
CA ALA C 1 -11.93 11.21 -25.47
C ALA C 1 -11.70 12.70 -25.71
N ALA C 2 -11.87 13.52 -24.67
CA ALA C 2 -11.67 14.98 -24.77
C ALA C 2 -10.17 15.31 -24.92
N VAL C 3 -9.85 16.43 -25.55
CA VAL C 3 -8.42 16.81 -25.77
C VAL C 3 -7.95 17.68 -24.60
N ILE C 4 -7.05 17.12 -23.77
CA ILE C 4 -6.48 17.84 -22.59
C ILE C 4 -5.60 18.99 -23.09
N LEU C 5 -4.78 18.74 -24.11
CA LEU C 5 -3.82 19.76 -24.63
C LEU C 5 -3.68 19.62 -26.15
N GLU C 6 -3.47 20.75 -26.82
CA GLU C 6 -3.32 20.83 -28.29
C GLU C 6 -2.25 21.88 -28.57
N SER C 7 -1.14 21.49 -29.20
CA SER C 7 0.00 22.40 -29.48
C SER C 7 0.71 21.97 -30.76
N ILE C 8 1.43 22.94 -31.34
CA ILE C 8 2.30 22.71 -32.52
C ILE C 8 3.72 22.62 -31.97
N PHE C 9 4.38 21.49 -32.18
CA PHE C 9 5.75 21.30 -31.64
C PHE C 9 6.68 20.80 -32.76
N LEU C 10 7.98 20.98 -32.56
CA LEU C 10 9.00 20.47 -33.52
C LEU C 10 9.39 19.08 -33.03
N LYS C 11 9.11 18.04 -33.81
CA LYS C 11 9.41 16.65 -33.39
C LYS C 11 10.69 16.18 -34.07
N ARG C 12 11.53 15.45 -33.34
CA ARG C 12 12.76 14.84 -33.94
C ARG C 12 12.36 13.45 -34.43
N SER C 13 12.71 13.13 -35.66
CA SER C 13 12.39 11.83 -36.28
C SER C 13 13.01 10.68 -35.51
N GLN C 14 12.24 9.60 -35.35
CA GLN C 14 12.75 8.33 -34.77
C GLN C 14 13.57 7.66 -35.88
N GLN C 15 14.69 7.05 -35.52
CA GLN C 15 15.64 6.44 -36.47
C GLN C 15 15.64 4.92 -36.30
N LYS C 16 14.96 4.22 -37.22
CA LYS C 16 14.85 2.74 -37.26
C LYS C 16 16.26 2.13 -37.27
N LYS C 17 17.15 2.71 -38.07
CA LYS C 17 18.62 2.44 -38.12
C LYS C 17 19.37 3.72 -37.74
N LYS C 18 20.63 3.58 -37.28
CA LYS C 18 21.53 4.71 -36.94
C LYS C 18 21.80 5.52 -38.23
N PRO C 21 19.68 9.80 -40.63
CA PRO C 21 18.42 10.39 -41.13
C PRO C 21 17.80 11.43 -40.18
N LEU C 22 18.64 12.20 -39.45
CA LEU C 22 18.22 13.37 -38.60
C LEU C 22 17.19 14.19 -39.38
N ASN C 23 16.15 14.68 -38.72
CA ASN C 23 14.94 15.20 -39.40
C ASN C 23 14.03 15.77 -38.31
N PHE C 24 13.76 17.07 -38.35
CA PHE C 24 12.86 17.79 -37.40
C PHE C 24 11.63 18.26 -38.18
N LYS C 25 10.44 17.96 -37.68
CA LYS C 25 9.19 18.25 -38.41
C LYS C 25 8.20 18.98 -37.48
N LYS C 26 7.50 19.97 -38.02
CA LYS C 26 6.39 20.70 -37.36
C LYS C 26 5.15 19.81 -37.32
N ARG C 27 4.63 19.56 -36.12
CA ARG C 27 3.49 18.62 -35.90
C ARG C 27 2.50 19.20 -34.90
N LEU C 28 1.22 18.90 -35.13
CA LEU C 28 0.12 19.19 -34.17
C LEU C 28 0.02 18.04 -33.17
N PHE C 29 0.29 18.31 -31.89
CA PHE C 29 0.21 17.28 -30.81
C PHE C 29 -1.12 17.44 -30.09
N LEU C 30 -1.81 16.32 -29.95
CA LEU C 30 -3.07 16.20 -29.17
C LEU C 30 -2.81 15.28 -27.98
N LEU C 31 -3.13 15.70 -26.76
CA LEU C 31 -3.16 14.81 -25.58
C LEU C 31 -4.60 14.58 -25.15
N THR C 32 -5.00 13.31 -25.12
CA THR C 32 -6.29 12.84 -24.55
C THR C 32 -5.95 11.90 -23.38
N VAL C 33 -6.96 11.35 -22.71
CA VAL C 33 -6.68 10.43 -21.56
C VAL C 33 -5.99 9.14 -22.03
N HIS C 34 -6.30 8.67 -23.25
CA HIS C 34 -5.74 7.37 -23.73
C HIS C 34 -4.58 7.49 -24.73
N LYS C 35 -4.41 8.62 -25.43
CA LYS C 35 -3.39 8.66 -26.51
C LYS C 35 -2.68 10.01 -26.51
N LEU C 36 -1.39 9.99 -26.80
CA LEU C 36 -0.63 11.17 -27.28
C LEU C 36 -0.50 10.99 -28.78
N SER C 37 -1.12 11.83 -29.59
CA SER C 37 -1.04 11.65 -31.06
C SER C 37 -0.47 12.91 -31.72
N TYR C 38 -0.06 12.79 -32.98
CA TYR C 38 0.53 13.93 -33.69
C TYR C 38 0.27 13.78 -35.19
N TYR C 39 -0.03 14.91 -35.82
CA TYR C 39 -0.57 15.01 -37.20
C TYR C 39 0.22 16.07 -37.96
N GLU C 40 0.19 15.95 -39.29
CA GLU C 40 0.46 17.12 -40.15
C GLU C 40 -0.58 18.18 -39.76
N TYR C 41 -0.17 19.44 -39.73
CA TYR C 41 -1.08 20.60 -39.57
C TYR C 41 -1.42 21.19 -40.93
N ASP C 42 -2.70 21.30 -41.24
CA ASP C 42 -3.20 21.99 -42.46
C ASP C 42 -3.36 23.47 -42.11
N PHE C 43 -2.31 24.26 -42.36
CA PHE C 43 -2.23 25.68 -41.95
C PHE C 43 -3.34 26.47 -42.66
N GLU C 44 -3.48 26.26 -43.97
CA GLU C 44 -4.49 26.96 -44.81
C GLU C 44 -5.86 26.85 -44.12
N ARG C 45 -6.32 25.63 -43.88
CA ARG C 45 -7.68 25.33 -43.36
C ARG C 45 -7.73 25.49 -41.83
N GLY C 46 -6.58 25.70 -41.18
CA GLY C 46 -6.43 25.87 -39.72
C GLY C 46 -6.96 24.69 -38.91
N ARG C 47 -6.62 23.46 -39.30
CA ARG C 47 -7.09 22.18 -38.69
C ARG C 47 -6.00 21.11 -38.76
N ARG C 48 -6.21 19.95 -38.14
CA ARG C 48 -5.30 18.77 -38.27
C ARG C 48 -5.34 18.24 -39.71
N GLY C 49 -4.23 17.64 -40.15
CA GLY C 49 -4.09 16.90 -41.42
C GLY C 49 -4.00 15.42 -41.14
N SER C 50 -3.26 14.69 -41.95
CA SER C 50 -3.12 13.21 -41.81
C SER C 50 -2.38 12.91 -40.51
N LYS C 51 -2.90 11.97 -39.72
CA LYS C 51 -2.29 11.46 -38.46
C LYS C 51 -0.95 10.82 -38.80
N LYS C 52 0.11 11.20 -38.10
CA LYS C 52 1.49 10.70 -38.35
C LYS C 52 1.88 9.64 -37.33
N GLY C 53 1.14 9.54 -36.22
CA GLY C 53 1.45 8.56 -35.16
C GLY C 53 0.72 8.85 -33.88
N SER C 54 0.93 7.98 -32.91
CA SER C 54 0.14 7.88 -31.66
C SER C 54 0.92 6.98 -30.72
N ILE C 55 0.98 7.34 -29.44
CA ILE C 55 1.38 6.44 -28.33
C ILE C 55 0.20 6.38 -27.37
N ASP C 56 -0.16 5.17 -26.96
CA ASP C 56 -1.11 4.95 -25.84
C ASP C 56 -0.42 5.48 -24.56
N VAL C 57 -1.11 6.35 -23.82
CA VAL C 57 -0.63 6.93 -22.54
C VAL C 57 -0.07 5.84 -21.60
N GLU C 58 -0.65 4.62 -21.65
CA GLU C 58 -0.37 3.50 -20.70
C GLU C 58 1.05 2.96 -20.93
N LYS C 59 1.63 3.13 -22.11
CA LYS C 59 3.00 2.65 -22.44
C LYS C 59 4.04 3.71 -22.04
N ILE C 60 3.65 4.90 -21.57
CA ILE C 60 4.64 5.94 -21.19
C ILE C 60 5.24 5.60 -19.83
N THR C 61 6.56 5.64 -19.74
CA THR C 61 7.34 5.29 -18.52
C THR C 61 7.91 6.54 -17.86
N CYS C 62 8.01 7.65 -18.60
CA CYS C 62 8.78 8.83 -18.15
C CYS C 62 8.52 10.02 -19.07
N VAL C 63 8.31 11.18 -18.45
CA VAL C 63 8.23 12.49 -19.15
C VAL C 63 9.07 13.46 -18.34
N GLU C 64 10.00 14.11 -19.01
CA GLU C 64 10.99 15.01 -18.36
C GLU C 64 11.51 15.98 -19.41
N THR C 65 12.30 16.94 -18.94
CA THR C 65 12.95 17.89 -19.84
C THR C 65 14.20 17.22 -20.40
N VAL C 66 14.77 17.84 -21.42
CA VAL C 66 16.02 17.32 -21.98
C VAL C 66 17.02 18.46 -21.96
N VAL C 67 18.27 18.15 -21.68
CA VAL C 67 19.32 19.19 -21.75
C VAL C 67 19.32 19.72 -23.18
N PRO C 68 19.37 21.03 -23.43
CA PRO C 68 19.33 21.56 -24.79
C PRO C 68 20.59 21.22 -25.61
N GLU C 69 20.47 21.29 -26.93
CA GLU C 69 21.66 21.04 -27.78
C GLU C 69 22.67 22.18 -27.53
N LYS C 70 23.97 21.87 -27.55
CA LYS C 70 25.01 22.90 -27.32
C LYS C 70 24.99 23.96 -28.42
N ASN C 71 24.87 23.52 -29.67
CA ASN C 71 24.88 24.43 -30.87
C ASN C 71 23.65 24.20 -31.75
N PRO C 72 22.45 24.68 -31.36
CA PRO C 72 21.26 24.49 -32.18
C PRO C 72 21.20 25.48 -33.35
N PRO C 73 20.60 25.10 -34.49
CA PRO C 73 20.37 26.05 -35.59
C PRO C 73 19.40 27.15 -35.21
N PRO C 74 19.25 28.20 -36.06
CA PRO C 74 18.24 29.23 -35.86
C PRO C 74 16.86 28.76 -35.33
N GLU C 75 16.30 27.69 -35.92
CA GLU C 75 14.95 27.14 -35.59
C GLU C 75 14.80 26.82 -34.08
N ARG C 76 15.88 26.56 -33.33
CA ARG C 76 15.77 26.08 -31.93
C ARG C 76 16.69 26.81 -30.93
N GLN C 77 17.10 28.06 -31.18
CA GLN C 77 17.97 28.86 -30.27
C GLN C 77 17.06 29.72 -29.40
N ILE C 78 17.48 30.07 -28.17
CA ILE C 78 16.79 31.16 -27.41
C ILE C 78 17.25 32.50 -28.00
N GLU C 89 3.59 36.30 -28.85
CA GLU C 89 4.16 36.60 -30.19
C GLU C 89 3.73 35.52 -31.19
N GLN C 90 2.83 35.89 -32.09
CA GLN C 90 2.09 34.97 -32.99
C GLN C 90 3.06 34.18 -33.88
N ILE C 91 4.10 34.82 -34.41
CA ILE C 91 4.97 34.20 -35.45
C ILE C 91 6.00 33.27 -34.77
N SER C 92 6.74 33.78 -33.77
CA SER C 92 7.83 33.06 -33.08
C SER C 92 7.27 31.79 -32.42
N ILE C 93 6.03 31.82 -31.93
CA ILE C 93 5.38 30.67 -31.22
C ILE C 93 5.15 29.52 -32.21
N ILE C 94 5.19 29.76 -33.51
CA ILE C 94 5.11 28.64 -34.51
C ILE C 94 6.39 28.59 -35.36
N GLU C 95 7.41 29.42 -35.11
CA GLU C 95 8.68 29.39 -35.91
C GLU C 95 9.88 28.98 -35.05
N ARG C 96 9.87 29.31 -33.75
CA ARG C 96 11.02 29.01 -32.86
C ARG C 96 10.62 27.96 -31.83
N PHE C 97 11.40 26.88 -31.73
CA PHE C 97 11.11 25.76 -30.78
C PHE C 97 12.40 25.36 -30.05
N PRO C 98 12.88 26.15 -29.05
CA PRO C 98 14.13 25.84 -28.34
C PRO C 98 14.02 25.09 -27.01
N TYR C 99 12.82 24.79 -26.53
CA TYR C 99 12.67 24.08 -25.22
C TYR C 99 12.21 22.64 -25.46
N PRO C 100 13.13 21.66 -25.47
CA PRO C 100 12.78 20.26 -25.72
C PRO C 100 12.46 19.44 -24.47
N PHE C 101 11.53 18.49 -24.61
CA PHE C 101 11.17 17.55 -23.53
C PHE C 101 11.16 16.14 -24.12
N GLN C 102 11.12 15.12 -23.26
CA GLN C 102 11.19 13.73 -23.75
C GLN C 102 10.00 12.93 -23.21
N VAL C 103 9.45 12.09 -24.06
CA VAL C 103 8.38 11.09 -23.73
C VAL C 103 9.01 9.71 -23.94
N VAL C 104 9.21 8.97 -22.85
CA VAL C 104 9.93 7.67 -22.85
C VAL C 104 8.90 6.55 -22.76
N TYR C 105 9.14 5.46 -23.49
CA TYR C 105 8.30 4.24 -23.45
C TYR C 105 9.13 3.07 -23.98
N ASP C 106 8.46 1.95 -24.26
CA ASP C 106 9.02 0.68 -24.82
C ASP C 106 10.14 1.02 -25.82
N GLU C 107 9.78 1.55 -27.00
CA GLU C 107 10.77 1.96 -28.03
C GLU C 107 11.40 3.30 -27.62
N GLY C 108 12.28 3.27 -26.62
CA GLY C 108 13.20 4.38 -26.27
C GLY C 108 12.50 5.72 -26.06
N PRO C 109 13.17 6.85 -26.40
CA PRO C 109 12.61 8.18 -26.17
C PRO C 109 12.08 8.88 -27.45
N LEU C 110 11.10 9.76 -27.26
CA LEU C 110 10.47 10.63 -28.29
C LEU C 110 10.79 12.07 -27.88
N TYR C 111 11.46 12.81 -28.77
CA TYR C 111 11.92 14.19 -28.48
C TYR C 111 11.00 15.21 -29.17
N VAL C 112 10.43 16.10 -28.35
CA VAL C 112 9.49 17.16 -28.81
C VAL C 112 10.03 18.51 -28.35
N PHE C 113 10.03 19.51 -29.24
CA PHE C 113 10.53 20.87 -28.88
C PHE C 113 9.36 21.83 -28.72
N SER C 114 9.30 22.52 -27.58
CA SER C 114 8.23 23.49 -27.27
C SER C 114 8.72 24.91 -27.57
N PRO C 115 7.87 25.82 -28.07
CA PRO C 115 8.28 27.19 -28.37
C PRO C 115 8.51 28.03 -27.10
N THR C 116 7.82 27.70 -26.01
CA THR C 116 7.96 28.47 -24.74
C THR C 116 8.18 27.54 -23.55
N GLU C 117 8.85 28.04 -22.51
CA GLU C 117 9.10 27.29 -21.26
C GLU C 117 7.76 26.96 -20.60
N GLU C 118 6.83 27.92 -20.61
CA GLU C 118 5.50 27.77 -19.96
C GLU C 118 4.72 26.63 -20.62
N LEU C 119 4.73 26.56 -21.96
CA LEU C 119 3.98 25.49 -22.67
C LEU C 119 4.58 24.12 -22.31
N ARG C 120 5.91 24.03 -22.25
CA ARG C 120 6.59 22.75 -21.89
C ARG C 120 6.20 22.35 -20.47
N LYS C 121 6.17 23.32 -19.56
CA LYS C 121 5.78 23.06 -18.15
C LYS C 121 4.35 22.50 -18.12
N ARG C 122 3.43 23.12 -18.86
CA ARG C 122 2.03 22.66 -18.88
C ARG C 122 2.01 21.21 -19.36
N TRP C 123 2.71 20.88 -20.45
CA TRP C 123 2.71 19.52 -21.05
C TRP C 123 3.29 18.50 -20.09
N ILE C 124 4.45 18.80 -19.51
CA ILE C 124 5.13 17.90 -18.55
C ILE C 124 4.16 17.65 -17.38
N HIS C 125 3.63 18.72 -16.81
CA HIS C 125 2.68 18.63 -15.66
C HIS C 125 1.50 17.71 -16.02
N GLN C 126 0.82 17.98 -17.14
CA GLN C 126 -0.36 17.19 -17.58
C GLN C 126 0.04 15.74 -17.89
N LEU C 127 1.18 15.52 -18.57
CA LEU C 127 1.60 14.15 -18.93
C LEU C 127 1.85 13.32 -17.66
N LYS C 128 2.43 13.95 -16.63
CA LYS C 128 2.67 13.22 -15.35
C LYS C 128 1.33 12.78 -14.76
N ASN C 129 0.32 13.65 -14.82
CA ASN C 129 -1.04 13.35 -14.29
C ASN C 129 -1.69 12.18 -15.05
N VAL C 130 -1.59 12.16 -16.38
CA VAL C 130 -2.22 11.06 -17.17
C VAL C 130 -1.52 9.71 -16.94
N ILE C 131 -0.20 9.71 -16.76
CA ILE C 131 0.58 8.43 -16.60
C ILE C 131 0.75 8.08 -15.11
N ARG C 132 0.16 8.87 -14.22
CA ARG C 132 0.28 8.69 -12.75
C ARG C 132 0.06 7.23 -12.31
N TYR C 133 -0.87 6.51 -12.96
CA TYR C 133 -1.35 5.16 -12.53
C TYR C 133 -0.67 4.07 -13.38
N ASN C 134 0.34 4.39 -14.18
CA ASN C 134 0.97 3.46 -15.15
C ASN C 134 1.78 2.41 -14.38
N SER C 135 1.91 1.21 -14.95
CA SER C 135 2.53 0.03 -14.27
C SER C 135 4.06 0.09 -14.35
N ASP C 136 4.62 0.59 -15.46
CA ASP C 136 6.09 0.49 -15.74
C ASP C 136 6.76 1.87 -15.60
N LEU C 137 6.36 2.70 -14.62
CA LEU C 137 6.97 4.03 -14.44
C LEU C 137 8.39 3.84 -13.92
N VAL C 138 9.36 4.58 -14.45
CA VAL C 138 10.80 4.45 -14.09
C VAL C 138 11.17 5.63 -13.19
N GLN C 139 12.19 5.46 -12.32
CA GLN C 139 12.65 6.54 -11.40
C GLN C 139 14.02 7.05 -11.85
N LYS C 140 14.54 6.54 -12.97
CA LYS C 140 15.79 7.03 -13.58
C LYS C 140 15.52 7.43 -15.03
N TYR C 141 16.31 8.36 -15.56
CA TYR C 141 16.11 8.81 -16.97
C TYR C 141 17.44 9.32 -17.55
N HIS C 142 17.44 9.61 -18.85
CA HIS C 142 18.62 10.17 -19.55
C HIS C 142 18.42 11.67 -19.69
N PRO C 143 19.13 12.52 -18.93
CA PRO C 143 18.94 13.97 -19.00
C PRO C 143 19.32 14.51 -20.38
N CYS C 144 20.04 13.72 -21.18
CA CYS C 144 20.46 14.17 -22.53
C CYS C 144 19.92 13.33 -23.69
N PHE C 145 20.03 13.90 -24.88
CA PHE C 145 19.55 13.35 -26.16
C PHE C 145 20.37 12.14 -26.59
N TRP C 146 19.70 11.19 -27.18
CA TRP C 146 20.40 10.07 -27.85
C TRP C 146 20.82 10.62 -29.20
N ILE C 147 22.12 10.66 -29.49
CA ILE C 147 22.57 11.17 -30.81
C ILE C 147 23.80 10.39 -31.26
N ASP C 148 23.82 9.98 -32.53
CA ASP C 148 24.92 9.19 -33.15
C ASP C 148 25.01 7.83 -32.48
N GLY C 149 23.88 7.12 -32.47
CA GLY C 149 23.79 5.74 -31.94
C GLY C 149 24.13 5.57 -30.48
N GLN C 150 24.01 6.62 -29.66
CA GLN C 150 24.30 6.53 -28.20
C GLN C 150 23.78 7.77 -27.46
N TYR C 151 23.83 7.74 -26.13
CA TYR C 151 23.35 8.86 -25.26
C TYR C 151 24.52 9.78 -24.91
N LEU C 152 24.32 11.09 -25.02
CA LEU C 152 25.43 12.03 -24.70
C LEU C 152 25.80 11.88 -23.22
N CYS C 153 24.80 11.75 -22.34
CA CYS C 153 25.00 11.67 -20.87
C CYS C 153 25.77 10.44 -20.38
N CYS C 154 25.49 9.23 -20.88
CA CYS C 154 26.17 8.04 -20.31
C CYS C 154 26.90 7.17 -21.35
N SER C 155 26.72 7.44 -22.65
CA SER C 155 27.37 6.73 -23.80
C SER C 155 26.80 5.32 -24.03
N GLN C 156 25.68 4.97 -23.40
CA GLN C 156 25.07 3.62 -23.60
C GLN C 156 24.55 3.52 -25.04
N THR C 157 24.71 2.35 -25.68
CA THR C 157 24.32 2.17 -27.11
C THR C 157 22.88 1.65 -27.23
N ALA C 158 22.20 1.39 -26.10
CA ALA C 158 20.79 0.91 -26.14
C ALA C 158 19.84 2.08 -25.80
N LYS C 159 18.95 2.46 -26.73
CA LYS C 159 17.95 3.56 -26.52
C LYS C 159 17.01 3.16 -25.38
N ASN C 160 16.82 1.86 -25.13
CA ASN C 160 16.01 1.34 -23.99
C ASN C 160 16.88 1.14 -22.74
N ALA C 161 18.12 1.63 -22.71
CA ALA C 161 19.00 1.56 -21.52
C ALA C 161 18.29 2.19 -20.31
N MET C 162 18.52 1.62 -19.14
CA MET C 162 18.14 2.23 -17.84
C MET C 162 18.76 3.63 -17.76
N GLY C 163 17.98 4.60 -17.27
CA GLY C 163 18.42 6.00 -17.12
C GLY C 163 19.68 6.11 -16.28
N CYS C 164 20.58 7.02 -16.67
CA CYS C 164 21.87 7.23 -15.96
C CYS C 164 21.71 8.26 -14.83
N GLN C 165 20.54 8.89 -14.71
CA GLN C 165 20.35 9.94 -13.66
C GLN C 165 18.96 9.77 -13.03
N ILE C 166 18.80 10.22 -11.78
CA ILE C 166 17.58 10.10 -10.93
C ILE C 166 16.60 11.21 -11.34
N LEU C 167 15.30 11.04 -11.05
CA LEU C 167 14.21 11.93 -11.51
C LEU C 167 14.33 13.31 -10.82
N GLU C 168 14.33 14.39 -11.62
CA GLU C 168 14.31 15.80 -11.13
C GLU C 168 12.98 16.43 -11.52
N ALA D 1 -0.15 -3.26 10.98
CA ALA D 1 -0.33 -3.03 12.44
C ALA D 1 -0.40 -1.52 12.70
N ALA D 2 -0.73 -1.13 13.94
CA ALA D 2 -0.73 0.27 14.41
C ALA D 2 0.72 0.76 14.57
N VAL D 3 1.04 1.89 13.94
CA VAL D 3 2.35 2.61 14.03
C VAL D 3 2.48 3.16 15.46
N ILE D 4 3.34 2.59 16.29
CA ILE D 4 3.57 3.08 17.67
C ILE D 4 4.39 4.37 17.59
N LEU D 5 5.45 4.41 16.77
CA LEU D 5 6.28 5.63 16.58
C LEU D 5 6.75 5.70 15.13
N GLU D 6 6.90 6.92 14.64
CA GLU D 6 7.42 7.23 13.29
C GLU D 6 8.37 8.41 13.45
N SER D 7 9.65 8.26 13.10
CA SER D 7 10.65 9.33 13.26
C SER D 7 11.62 9.26 12.12
N ILE D 8 12.25 10.40 11.84
CA ILE D 8 13.45 10.49 10.96
C ILE D 8 14.68 10.49 11.86
N PHE D 9 15.58 9.57 11.59
CA PHE D 9 16.82 9.36 12.35
C PHE D 9 17.96 9.30 11.37
N LEU D 10 19.14 9.58 11.89
CA LEU D 10 20.39 9.26 11.18
C LEU D 10 20.77 7.88 11.71
N LYS D 11 20.97 6.93 10.79
CA LYS D 11 21.40 5.55 11.11
C LYS D 11 22.76 5.32 10.47
N ARG D 12 23.65 4.68 11.24
CA ARG D 12 24.97 4.19 10.79
C ARG D 12 24.78 2.88 10.00
N SER D 13 25.09 2.89 8.72
CA SER D 13 24.98 1.71 7.81
C SER D 13 26.26 0.88 8.01
N GLN D 14 26.62 0.04 7.03
CA GLN D 14 27.98 -0.57 6.93
C GLN D 14 28.34 -0.77 5.45
N LEU D 22 32.70 4.90 7.85
CA LEU D 22 31.28 4.75 8.28
C LEU D 22 30.41 5.64 7.40
N ASN D 23 29.18 5.20 7.11
CA ASN D 23 28.17 6.03 6.39
C ASN D 23 26.93 6.14 7.28
N PHE D 24 26.45 7.38 7.43
CA PHE D 24 25.27 7.79 8.20
C PHE D 24 24.18 8.20 7.21
N LYS D 25 23.00 7.61 7.31
CA LYS D 25 21.90 7.74 6.31
C LYS D 25 20.66 8.29 6.99
N LYS D 26 20.01 9.28 6.38
CA LYS D 26 18.75 9.83 6.92
C LYS D 26 17.63 8.86 6.54
N ARG D 27 16.94 8.32 7.54
CA ARG D 27 15.91 7.28 7.31
C ARG D 27 14.71 7.51 8.21
N LEU D 28 13.55 7.08 7.69
CA LEU D 28 12.22 7.05 8.34
C LEU D 28 12.10 5.69 9.02
N PHE D 29 11.98 5.68 10.36
CA PHE D 29 11.80 4.45 11.17
C PHE D 29 10.34 4.36 11.58
N LEU D 30 9.77 3.15 11.48
CA LEU D 30 8.42 2.79 11.97
C LEU D 30 8.56 1.63 12.93
N LEU D 31 7.96 1.77 14.09
CA LEU D 31 7.82 0.69 15.10
C LEU D 31 6.34 0.27 15.14
N THR D 32 6.06 -0.97 14.73
CA THR D 32 4.82 -1.72 15.04
C THR D 32 5.15 -2.69 16.17
N VAL D 33 4.17 -3.36 16.77
CA VAL D 33 4.44 -4.28 17.92
C VAL D 33 5.27 -5.46 17.40
N HIS D 34 5.27 -5.74 16.09
CA HIS D 34 5.96 -6.92 15.49
C HIS D 34 7.20 -6.54 14.70
N LYS D 35 7.30 -5.32 14.14
CA LYS D 35 8.37 -4.92 13.19
C LYS D 35 8.91 -3.54 13.54
N LEU D 36 10.24 -3.40 13.43
CA LEU D 36 10.95 -2.10 13.39
C LEU D 36 11.54 -2.00 11.98
N SER D 37 11.03 -1.08 11.17
CA SER D 37 11.35 -1.02 9.73
C SER D 37 11.89 0.37 9.42
N TYR D 38 12.58 0.52 8.29
CA TYR D 38 13.24 1.79 7.92
C TYR D 38 13.11 1.98 6.41
N TYR D 39 12.79 3.20 6.00
CA TYR D 39 12.51 3.59 4.60
C TYR D 39 13.33 4.81 4.23
N GLU D 40 13.61 4.96 2.92
CA GLU D 40 13.91 6.26 2.29
C GLU D 40 12.74 7.17 2.58
N TYR D 41 12.99 8.43 2.92
CA TYR D 41 11.88 9.40 3.09
C TYR D 41 11.70 10.13 1.76
N ASP D 42 10.46 10.12 1.24
CA ASP D 42 10.02 10.92 0.06
C ASP D 42 9.61 12.31 0.57
N PHE D 43 10.60 13.20 0.68
CA PHE D 43 10.41 14.55 1.26
C PHE D 43 9.39 15.29 0.43
N GLU D 44 9.66 15.40 -0.88
CA GLU D 44 8.84 16.12 -1.89
C GLU D 44 7.35 15.79 -1.70
N ARG D 45 7.01 14.51 -1.53
CA ARG D 45 5.60 14.01 -1.49
C ARG D 45 5.09 13.82 -0.05
N GLY D 46 5.93 13.94 0.98
CA GLY D 46 5.50 13.95 2.39
C GLY D 46 5.14 12.58 2.91
N ARG D 47 5.86 11.55 2.49
CA ARG D 47 5.64 10.17 3.01
C ARG D 47 6.90 9.31 2.90
N ARG D 48 6.80 8.08 3.42
CA ARG D 48 7.83 7.02 3.24
C ARG D 48 7.88 6.63 1.76
N GLY D 49 9.09 6.49 1.22
CA GLY D 49 9.37 5.81 -0.06
C GLY D 49 9.79 4.36 0.15
N SER D 50 10.82 3.92 -0.56
CA SER D 50 11.29 2.51 -0.59
C SER D 50 11.54 2.04 0.84
N LYS D 51 11.03 0.85 1.18
CA LYS D 51 11.56 0.03 2.30
C LYS D 51 13.05 -0.23 2.04
N LYS D 52 13.88 -0.19 3.08
CA LYS D 52 15.32 -0.47 2.96
C LYS D 52 15.71 -1.64 3.89
N GLY D 53 14.87 -1.95 4.87
CA GLY D 53 15.13 -3.04 5.82
C GLY D 53 14.09 -3.14 6.91
N SER D 54 14.16 -4.24 7.67
CA SER D 54 13.21 -4.60 8.75
C SER D 54 13.86 -5.58 9.70
N ILE D 55 13.68 -5.39 11.00
CA ILE D 55 14.00 -6.41 12.04
C ILE D 55 12.69 -6.82 12.72
N ASP D 56 12.54 -8.09 13.06
CA ASP D 56 11.40 -8.55 13.89
C ASP D 56 11.67 -8.14 15.33
N VAL D 57 10.68 -7.57 16.02
CA VAL D 57 10.83 -7.04 17.41
C VAL D 57 11.23 -8.17 18.36
N GLU D 58 10.93 -9.43 18.02
CA GLU D 58 11.14 -10.61 18.90
C GLU D 58 12.64 -11.00 18.90
N LYS D 59 13.38 -10.57 17.88
CA LYS D 59 14.83 -10.86 17.74
C LYS D 59 15.68 -9.85 18.52
N ILE D 60 15.10 -8.86 19.21
CA ILE D 60 15.85 -7.78 19.92
C ILE D 60 16.17 -8.23 21.35
N THR D 61 17.44 -8.09 21.76
CA THR D 61 17.98 -8.51 23.09
C THR D 61 18.12 -7.32 24.05
N CYS D 62 18.39 -6.14 23.50
CA CYS D 62 18.72 -4.94 24.33
C CYS D 62 18.42 -3.69 23.53
N VAL D 63 18.02 -2.64 24.24
CA VAL D 63 17.89 -1.26 23.71
C VAL D 63 18.35 -0.32 24.81
N GLU D 64 19.38 0.50 24.53
CA GLU D 64 19.90 1.51 25.48
C GLU D 64 20.53 2.67 24.70
N THR D 65 20.90 3.71 25.42
CA THR D 65 21.73 4.83 24.96
C THR D 65 23.14 4.33 24.64
N VAL D 66 23.86 5.11 23.85
CA VAL D 66 25.30 4.93 23.57
C VAL D 66 25.97 6.24 24.01
N VAL D 67 27.13 6.11 24.65
CA VAL D 67 28.05 7.24 24.94
C VAL D 67 28.37 7.93 23.62
N PRO D 68 28.11 9.26 23.51
CA PRO D 68 28.34 9.98 22.24
C PRO D 68 29.79 9.89 21.74
N GLU D 69 29.96 9.92 20.41
CA GLU D 69 31.30 10.06 19.73
C GLU D 69 32.09 11.15 20.45
N LYS D 70 33.42 11.00 20.48
CA LYS D 70 34.35 12.00 21.08
C LYS D 70 34.30 13.31 20.28
N ASN D 71 34.54 13.25 18.96
CA ASN D 71 34.68 14.44 18.07
C ASN D 71 33.64 14.39 16.96
N PRO D 72 32.32 14.41 17.28
CA PRO D 72 31.30 14.33 16.24
C PRO D 72 31.47 15.43 15.21
N PRO D 73 31.13 15.18 13.92
CA PRO D 73 30.97 16.25 12.95
C PRO D 73 29.82 17.16 13.38
N PRO D 74 29.66 18.36 12.78
CA PRO D 74 28.60 19.29 13.21
C PRO D 74 27.17 18.75 13.06
N GLU D 75 26.89 17.79 12.16
CA GLU D 75 25.56 17.14 12.05
C GLU D 75 25.18 16.37 13.33
N ARG D 76 26.14 16.09 14.23
CA ARG D 76 25.90 15.24 15.43
C ARG D 76 26.43 15.89 16.71
N GLN D 77 26.70 17.22 16.71
CA GLN D 77 27.05 17.99 17.94
C GLN D 77 25.77 18.63 18.52
N ILE D 78 25.67 18.75 19.85
CA ILE D 78 24.68 19.66 20.52
C ILE D 78 24.73 21.01 19.79
N GLU D 89 12.60 23.32 16.99
CA GLU D 89 12.78 24.06 15.72
C GLU D 89 12.76 23.10 14.51
N GLN D 90 12.17 23.56 13.41
CA GLN D 90 11.70 22.72 12.28
C GLN D 90 12.90 22.17 11.51
N ILE D 91 13.95 22.98 11.35
CA ILE D 91 15.13 22.66 10.51
C ILE D 91 16.08 21.75 11.30
N SER D 92 16.43 22.13 12.52
CA SER D 92 17.41 21.40 13.36
C SER D 92 16.89 19.99 13.69
N ILE D 93 15.57 19.80 13.78
CA ILE D 93 14.96 18.48 14.13
C ILE D 93 15.13 17.50 12.95
N ILE D 94 15.48 17.96 11.76
CA ILE D 94 15.71 17.04 10.60
C ILE D 94 17.11 17.25 10.02
N GLU D 95 17.94 18.02 10.70
CA GLU D 95 19.32 18.30 10.20
C GLU D 95 20.35 17.84 11.23
N ARG D 96 20.11 18.09 12.51
CA ARG D 96 21.04 17.79 13.63
C ARG D 96 20.56 16.56 14.40
N PHE D 97 21.40 15.53 14.49
CA PHE D 97 21.11 14.24 15.19
C PHE D 97 22.21 13.93 16.20
N PRO D 98 22.18 14.60 17.38
CA PRO D 98 23.18 14.40 18.43
C PRO D 98 23.12 13.18 19.37
N TYR D 99 21.97 12.50 19.46
CA TYR D 99 21.61 11.61 20.60
C TYR D 99 21.52 10.16 20.11
N PRO D 100 22.58 9.34 20.27
CA PRO D 100 22.61 8.00 19.71
C PRO D 100 21.91 7.02 20.68
N PHE D 101 21.31 5.98 20.13
CA PHE D 101 20.89 4.80 20.92
C PHE D 101 21.15 3.53 20.11
N GLN D 102 21.15 2.39 20.80
CA GLN D 102 21.50 1.08 20.20
C GLN D 102 20.31 0.13 20.34
N VAL D 103 20.01 -0.53 19.24
CA VAL D 103 19.09 -1.69 19.21
C VAL D 103 19.98 -2.91 18.98
N VAL D 104 20.13 -3.77 20.00
CA VAL D 104 21.02 -4.95 19.90
C VAL D 104 20.18 -6.16 19.53
N TYR D 105 20.63 -6.94 18.55
CA TYR D 105 20.14 -8.30 18.26
C TYR D 105 21.32 -9.23 17.95
N ASP D 106 21.03 -10.45 17.50
CA ASP D 106 22.05 -11.51 17.22
C ASP D 106 23.16 -10.92 16.36
N GLU D 107 22.77 -10.18 15.31
CA GLU D 107 23.69 -9.63 14.28
C GLU D 107 24.40 -8.37 14.82
N GLY D 108 24.74 -8.36 16.12
CA GLY D 108 25.33 -7.20 16.82
C GLY D 108 24.40 -5.97 16.83
N PRO D 109 24.90 -4.79 17.27
CA PRO D 109 24.06 -3.60 17.41
C PRO D 109 23.76 -2.83 16.11
N LEU D 110 22.56 -2.25 16.07
CA LEU D 110 22.16 -1.17 15.12
C LEU D 110 22.28 0.17 15.86
N TYR D 111 22.97 1.15 15.26
CA TYR D 111 23.17 2.50 15.83
C TYR D 111 22.28 3.57 15.14
N VAL D 112 21.50 4.28 15.96
CA VAL D 112 20.45 5.27 15.57
C VAL D 112 20.73 6.59 16.30
N PHE D 113 20.71 7.72 15.59
CA PHE D 113 20.91 9.07 16.17
C PHE D 113 19.61 9.86 16.09
N SER D 114 19.11 10.24 17.27
CA SER D 114 17.90 11.07 17.51
C SER D 114 18.27 12.56 17.53
N PRO D 115 17.44 13.45 16.96
CA PRO D 115 17.70 14.88 17.02
C PRO D 115 17.41 15.46 18.41
N THR D 116 16.63 14.78 19.24
CA THR D 116 16.31 15.29 20.60
C THR D 116 16.52 14.19 21.65
N GLU D 117 16.88 14.57 22.87
CA GLU D 117 16.92 13.69 24.06
C GLU D 117 15.52 13.07 24.24
N GLU D 118 14.50 13.93 24.38
CA GLU D 118 13.08 13.57 24.58
C GLU D 118 12.68 12.43 23.62
N LEU D 119 12.99 12.58 22.33
CA LEU D 119 12.60 11.61 21.27
C LEU D 119 13.41 10.33 21.44
N ARG D 120 14.68 10.41 21.85
CA ARG D 120 15.48 9.20 22.16
C ARG D 120 14.84 8.51 23.36
N LYS D 121 14.52 9.27 24.41
CA LYS D 121 13.89 8.76 25.66
C LYS D 121 12.57 8.04 25.31
N ARG D 122 11.73 8.62 24.44
CA ARG D 122 10.43 8.01 24.05
C ARG D 122 10.68 6.69 23.32
N TRP D 123 11.62 6.67 22.37
CA TRP D 123 11.93 5.47 21.57
C TRP D 123 12.45 4.33 22.46
N ILE D 124 13.42 4.60 23.30
CA ILE D 124 13.98 3.60 24.25
C ILE D 124 12.86 2.99 25.13
N HIS D 125 11.92 3.79 25.64
CA HIS D 125 10.81 3.30 26.51
C HIS D 125 9.90 2.36 25.71
N GLN D 126 9.40 2.83 24.56
CA GLN D 126 8.45 2.07 23.71
C GLN D 126 9.12 0.78 23.21
N LEU D 127 10.43 0.82 22.94
CA LEU D 127 11.18 -0.38 22.48
C LEU D 127 11.33 -1.38 23.63
N LYS D 128 11.60 -0.90 24.85
CA LYS D 128 11.82 -1.77 26.03
C LYS D 128 10.49 -2.47 26.35
N ASN D 129 9.40 -1.71 26.24
CA ASN D 129 8.00 -2.19 26.37
C ASN D 129 7.74 -3.32 25.37
N VAL D 130 7.78 -3.07 24.07
CA VAL D 130 7.48 -4.14 23.06
C VAL D 130 8.47 -5.31 23.20
N ILE D 131 9.63 -5.18 23.87
CA ILE D 131 10.55 -6.35 24.04
C ILE D 131 10.37 -7.00 25.43
N ARG D 132 9.46 -6.49 26.29
CA ARG D 132 9.20 -7.04 27.66
C ARG D 132 9.39 -8.57 27.70
N TYR D 133 8.64 -9.30 26.86
CA TYR D 133 8.49 -10.77 26.97
C TYR D 133 9.38 -11.48 25.95
N ASN D 134 10.37 -10.81 25.37
CA ASN D 134 11.28 -11.46 24.37
C ASN D 134 12.01 -12.60 25.10
N SER D 135 12.51 -13.60 24.38
CA SER D 135 13.05 -14.85 25.00
C SER D 135 14.54 -14.69 25.35
N ASP D 136 15.31 -13.91 24.58
CA ASP D 136 16.78 -13.82 24.67
C ASP D 136 17.27 -12.44 25.17
N LEU D 137 16.54 -11.80 26.08
CA LEU D 137 16.96 -10.49 26.67
C LEU D 137 18.29 -10.67 27.42
N VAL D 138 19.16 -9.65 27.41
CA VAL D 138 20.50 -9.70 28.08
C VAL D 138 20.50 -8.65 29.19
N GLN D 139 21.23 -8.88 30.27
CA GLN D 139 21.34 -7.91 31.41
C GLN D 139 22.75 -7.32 31.38
N LYS D 140 23.43 -7.46 30.24
CA LYS D 140 24.75 -6.86 29.98
C LYS D 140 24.74 -6.21 28.60
N TYR D 141 25.43 -5.07 28.48
CA TYR D 141 25.55 -4.32 27.22
C TYR D 141 26.93 -3.65 27.14
N HIS D 142 27.23 -3.11 25.96
CA HIS D 142 28.41 -2.25 25.66
C HIS D 142 27.96 -0.80 25.67
N PRO D 143 28.30 -0.01 26.72
CA PRO D 143 27.94 1.41 26.74
C PRO D 143 28.53 2.23 25.58
N CYS D 144 29.52 1.73 24.84
CA CYS D 144 30.22 2.54 23.79
C CYS D 144 30.07 1.90 22.40
N PHE D 145 30.33 2.69 21.35
CA PHE D 145 30.29 2.25 19.93
C PHE D 145 31.30 1.13 19.70
N TRP D 146 30.88 0.14 18.91
CA TRP D 146 31.76 -0.69 18.07
C TRP D 146 32.21 0.18 16.91
N ILE D 147 33.50 0.20 16.61
CA ILE D 147 34.13 1.08 15.58
C ILE D 147 35.49 0.47 15.22
N ASP D 148 35.75 0.30 13.91
CA ASP D 148 37.05 -0.18 13.39
C ASP D 148 37.37 -1.54 14.03
N GLY D 149 36.40 -2.45 14.07
CA GLY D 149 36.60 -3.86 14.44
C GLY D 149 36.67 -4.12 15.94
N GLN D 150 36.39 -3.15 16.82
CA GLN D 150 36.31 -3.45 18.28
C GLN D 150 35.46 -2.41 19.04
N TYR D 151 34.88 -2.81 20.18
CA TYR D 151 34.17 -1.91 21.15
C TYR D 151 35.19 -0.99 21.82
N LEU D 152 34.83 0.29 21.98
CA LEU D 152 35.63 1.29 22.74
C LEU D 152 35.58 0.98 24.24
N CYS D 153 34.52 0.33 24.71
CA CYS D 153 34.29 0.13 26.17
C CYS D 153 35.21 -0.98 26.69
N CYS D 154 35.52 -2.00 25.89
CA CYS D 154 36.07 -3.29 26.37
C CYS D 154 37.11 -3.90 25.41
N SER D 155 37.22 -3.41 24.18
CA SER D 155 38.21 -3.81 23.15
C SER D 155 37.94 -5.22 22.61
N GLN D 156 36.87 -5.89 23.05
CA GLN D 156 36.45 -7.15 22.41
C GLN D 156 36.19 -6.84 20.93
N THR D 157 36.61 -7.75 20.05
CA THR D 157 36.64 -7.61 18.57
C THR D 157 35.66 -8.59 17.92
N ALA D 158 34.44 -8.71 18.47
CA ALA D 158 33.32 -9.52 17.93
C ALA D 158 32.00 -8.85 18.29
N LYS D 159 31.27 -8.37 17.27
CA LYS D 159 30.06 -7.53 17.43
C LYS D 159 29.11 -8.18 18.44
N ASN D 160 29.00 -9.52 18.43
CA ASN D 160 28.06 -10.29 19.29
C ASN D 160 28.71 -10.63 20.64
N ALA D 161 29.75 -9.90 21.07
CA ALA D 161 30.44 -10.15 22.35
C ALA D 161 29.51 -9.82 23.52
N MET D 162 29.46 -10.69 24.51
CA MET D 162 28.77 -10.38 25.78
C MET D 162 29.09 -8.92 26.17
N GLY D 163 28.08 -8.15 26.53
CA GLY D 163 28.24 -6.78 27.06
C GLY D 163 29.24 -6.76 28.21
N CYS D 164 29.95 -5.65 28.37
CA CYS D 164 31.02 -5.46 29.36
C CYS D 164 30.42 -4.84 30.62
N GLN D 165 29.28 -4.14 30.49
CA GLN D 165 28.64 -3.39 31.60
C GLN D 165 27.31 -4.06 31.96
N ILE D 166 26.91 -4.00 33.24
CA ILE D 166 25.62 -4.55 33.77
C ILE D 166 24.50 -3.54 33.50
N LEU D 167 23.35 -4.02 33.02
CA LEU D 167 22.14 -3.20 32.74
C LEU D 167 21.45 -2.84 34.05
N GLU D 168 20.98 -1.60 34.17
CA GLU D 168 20.27 -1.06 35.36
C GLU D 168 18.81 -0.81 35.00
C1 Q1B E . -23.49 0.81 -11.67
C2 Q1B E . -24.23 0.96 -12.83
C3 Q1B E . -25.44 0.31 -12.98
C4 Q1B E . -25.90 -0.48 -11.93
C6 Q1B E . -25.95 -1.49 -9.81
C8 Q1B E . -23.95 0.02 -10.62
F1 Q1B E . -20.83 -0.01 -10.82
O1 Q1B E . -28.12 -2.56 -10.27
C5 Q1B E . -27.18 -1.85 -10.63
N Q1B E . -27.08 -1.23 -11.83
C7 Q1B E . -25.17 -0.62 -10.76
O Q1B E . -22.26 1.44 -11.55
C Q1B E . -21.17 0.71 -11.87
F Q1B E . -21.18 -0.12 -12.92
F2 Q1B E . -20.21 1.58 -12.11
MG MG F . -20.88 -10.03 12.96
ZN ZN G . -31.75 17.98 -4.20
C1 Q1B H . -11.11 -28.34 14.57
C2 Q1B H . -11.37 -29.69 14.78
C3 Q1B H . -11.38 -30.58 13.72
C4 Q1B H . -11.16 -30.08 12.44
C6 Q1B H . -10.72 -28.52 10.75
C8 Q1B H . -10.88 -27.85 13.29
F1 Q1B H . -11.72 -25.64 14.71
O1 Q1B H . -10.87 -30.24 8.99
C5 Q1B H . -10.92 -29.91 10.18
N Q1B H . -11.17 -30.75 11.21
C7 Q1B H . -10.92 -28.73 12.22
O Q1B H . -10.94 -27.45 15.66
C Q1B H . -11.77 -26.41 15.77
F Q1B H . -13.04 -26.82 15.95
F2 Q1B H . -11.44 -25.65 16.82
ZN ZN I . 9.19 -32.12 16.19
ZN ZN J . 22.18 8.57 -19.92
C1 Q1B K . 18.94 -2.42 10.10
C2 Q1B K . 19.42 -3.58 9.49
C3 Q1B K . 20.40 -3.50 8.51
C4 Q1B K . 20.86 -2.24 8.14
C6 Q1B K . 21.02 0.10 8.06
C8 Q1B K . 19.39 -1.17 9.70
F1 Q1B K . 16.62 -0.81 10.95
O1 Q1B K . 22.65 0.02 6.23
C5 Q1B K . 21.96 -0.55 7.07
N Q1B K . 21.85 -1.90 7.21
C7 Q1B K . 20.35 -1.08 8.71
O Q1B K . 18.03 -2.50 11.20
C Q1B K . 16.76 -2.12 11.05
F Q1B K . 16.12 -2.65 9.99
F2 Q1B K . 16.10 -2.48 12.13
MG MG L . 20.77 24.40 7.67
ZN ZN M . 32.00 -3.31 25.74
#